data_7R65
#
_entry.id   7R65
#
_cell.length_a   83.145
_cell.length_b   66.758
_cell.length_c   92.350
_cell.angle_alpha   90.000
_cell.angle_beta   111.262
_cell.angle_gamma   90.000
#
_symmetry.space_group_name_H-M   'P 1 21 1'
#
loop_
_entity.id
_entity.type
_entity.pdbx_description
1 polymer 'Adenylate/guanylate cyclase'
2 water water
#
_entity_poly.entity_id   1
_entity_poly.type   'polypeptide(L)'
_entity_poly.pdbx_seq_one_letter_code
;SALADDLKKWVGETFTGKWEVQETTSVPNPEDLRLNSNHAKDLKAATVLYADLDGSTD(MSE)VNTKKWQFSAQIYKTFL
KCASDIIRDEGGNITAYDGDRV(MSE)AVFTGNSKNTSAARCALKINSAVLDIIQPAIAKKWQTDFVLRHVVGIDTSQLR
TARIGIRGDNDLVWIGRAANYAAKLTNLAGKPTRITADVYNKLADKLKYANGVD(MSE)WAPEHWDD(MSE)GIWTYTST
WKWTV
;
_entity_poly.pdbx_strand_id   A,B,C,D
#
# COMPACT_ATOMS: atom_id res chain seq x y z
N SER A 1 1.08 -25.56 -2.69
CA SER A 1 -0.17 -24.81 -2.64
C SER A 1 -0.83 -24.80 -4.01
N ALA A 2 -2.00 -24.19 -4.10
CA ALA A 2 -2.70 -24.08 -5.39
C ALA A 2 -1.87 -23.31 -6.40
N LEU A 3 -1.08 -22.33 -5.95
CA LEU A 3 -0.20 -21.62 -6.87
C LEU A 3 0.80 -22.57 -7.51
N ALA A 4 1.35 -23.51 -6.74
CA ALA A 4 2.28 -24.49 -7.31
C ALA A 4 1.61 -25.31 -8.39
N ASP A 5 0.35 -25.72 -8.16
CA ASP A 5 -0.37 -26.50 -9.16
C ASP A 5 -0.64 -25.65 -10.40
N ASP A 6 -1.04 -24.39 -10.21
CA ASP A 6 -1.33 -23.53 -11.36
C ASP A 6 -0.08 -23.26 -12.17
N LEU A 7 1.05 -22.98 -11.51
CA LEU A 7 2.29 -22.75 -12.22
C LEU A 7 2.76 -24.01 -12.95
N LYS A 8 2.65 -25.18 -12.31
CA LYS A 8 3.06 -26.41 -12.98
C LYS A 8 2.28 -26.62 -14.27
N LYS A 9 0.97 -26.38 -14.23
CA LYS A 9 0.15 -26.55 -15.42
C LYS A 9 0.54 -25.55 -16.50
N TRP A 10 0.67 -24.28 -16.14
CA TRP A 10 0.98 -23.24 -17.12
C TRP A 10 2.41 -23.38 -17.65
N VAL A 11 3.36 -23.72 -16.78
CA VAL A 11 4.72 -23.96 -17.24
C VAL A 11 4.76 -25.11 -18.24
N GLY A 12 4.04 -26.20 -17.94
CA GLY A 12 3.98 -27.30 -18.89
C GLY A 12 3.36 -26.90 -20.22
N GLU A 13 2.27 -26.15 -20.18
CA GLU A 13 1.66 -25.65 -21.42
C GLU A 13 2.61 -24.78 -22.20
N THR A 14 3.41 -23.96 -21.51
CA THR A 14 4.35 -23.07 -22.19
C THR A 14 5.46 -23.85 -22.87
N PHE A 15 5.95 -24.92 -22.22
CA PHE A 15 7.00 -25.72 -22.85
C PHE A 15 6.45 -26.60 -23.98
N THR A 16 5.21 -27.08 -23.85
CA THR A 16 4.67 -28.00 -24.84
C THR A 16 3.91 -27.31 -25.97
N GLY A 17 3.40 -26.11 -25.75
CA GLY A 17 2.50 -25.50 -26.71
C GLY A 17 3.22 -24.99 -27.94
N LYS A 18 2.56 -25.12 -29.09
CA LYS A 18 3.06 -24.56 -30.33
C LYS A 18 3.12 -23.04 -30.24
N TRP A 19 4.11 -22.45 -30.91
CA TRP A 19 4.26 -21.01 -30.95
C TRP A 19 3.52 -20.43 -32.17
N GLU A 20 2.92 -19.27 -31.97
CA GLU A 20 2.35 -18.47 -33.05
C GLU A 20 3.16 -17.19 -33.16
N VAL A 21 3.68 -16.92 -34.36
CA VAL A 21 4.60 -15.81 -34.58
C VAL A 21 4.16 -15.04 -35.82
N GLN A 22 4.11 -13.71 -35.70
CA GLN A 22 3.94 -12.82 -36.85
C GLN A 22 5.16 -11.91 -36.97
N GLU A 23 5.54 -11.62 -38.20
CA GLU A 23 6.65 -10.71 -38.47
C GLU A 23 6.14 -9.29 -38.54
N THR A 24 6.92 -8.37 -37.99
CA THR A 24 6.54 -6.97 -37.97
C THR A 24 7.80 -6.12 -37.94
N THR A 25 7.64 -4.84 -38.27
CA THR A 25 8.77 -3.90 -38.30
C THR A 25 8.82 -3.03 -37.05
N SER A 26 7.67 -2.59 -36.54
CA SER A 26 7.61 -1.68 -35.41
C SER A 26 7.47 -2.43 -34.09
N VAL A 27 7.85 -1.77 -33.01
CA VAL A 27 7.57 -2.32 -31.68
C VAL A 27 6.07 -2.51 -31.53
N PRO A 28 5.60 -3.68 -31.14
CA PRO A 28 4.14 -3.89 -31.02
C PRO A 28 3.57 -3.14 -29.83
N ASN A 29 2.30 -2.79 -29.95
CA ASN A 29 1.54 -2.45 -28.76
C ASN A 29 1.26 -3.73 -27.99
N PRO A 30 1.36 -3.72 -26.66
CA PRO A 30 1.14 -4.96 -25.90
C PRO A 30 -0.16 -5.67 -26.22
N GLU A 31 -1.23 -4.92 -26.50
CA GLU A 31 -2.50 -5.54 -26.85
C GLU A 31 -2.47 -6.29 -28.17
N ASP A 32 -1.39 -6.16 -28.95
CA ASP A 32 -1.23 -6.95 -30.16
C ASP A 32 -0.85 -8.40 -29.86
N LEU A 33 -0.53 -8.73 -28.62
CA LEU A 33 -0.04 -10.06 -28.25
C LEU A 33 -0.90 -10.65 -27.14
N ARG A 34 -1.03 -11.97 -27.15
CA ARG A 34 -1.74 -12.66 -26.09
C ARG A 34 -0.84 -12.74 -24.85
N LEU A 35 -1.39 -12.36 -23.70
CA LEU A 35 -0.65 -12.35 -22.44
C LEU A 35 -0.37 -13.78 -21.98
N ASN A 36 0.88 -14.02 -21.56
CA ASN A 36 1.29 -15.30 -20.99
C ASN A 36 0.94 -16.47 -21.90
N SER A 37 1.25 -16.31 -23.18
N SER A 37 1.28 -16.31 -23.18
CA SER A 37 0.96 -17.32 -24.19
CA SER A 37 0.94 -17.28 -24.22
C SER A 37 2.17 -17.45 -25.10
C SER A 37 2.14 -17.42 -25.14
N ASN A 38 2.20 -18.55 -25.84
CA ASN A 38 3.27 -18.80 -26.82
C ASN A 38 2.93 -18.05 -28.11
N HIS A 39 2.98 -16.73 -28.01
CA HIS A 39 2.64 -15.82 -29.08
C HIS A 39 3.71 -14.74 -29.12
N ALA A 40 4.34 -14.55 -30.28
CA ALA A 40 5.44 -13.61 -30.38
C ALA A 40 5.34 -12.80 -31.67
N LYS A 41 5.95 -11.61 -31.64
CA LYS A 41 6.25 -10.87 -32.84
C LYS A 41 7.73 -11.00 -33.16
N ASP A 42 8.05 -11.08 -34.45
CA ASP A 42 9.40 -11.29 -34.93
C ASP A 42 9.83 -10.05 -35.69
N LEU A 43 10.79 -9.30 -35.14
CA LEU A 43 11.35 -8.12 -35.80
C LEU A 43 12.69 -8.53 -36.41
N LYS A 44 12.76 -8.54 -37.74
CA LYS A 44 13.98 -9.01 -38.40
C LYS A 44 15.18 -8.13 -38.11
N ALA A 45 14.96 -6.84 -37.90
CA ALA A 45 16.04 -5.94 -37.50
C ALA A 45 15.48 -4.88 -36.57
N ALA A 46 16.08 -4.77 -35.38
CA ALA A 46 15.69 -3.78 -34.40
C ALA A 46 16.95 -3.38 -33.64
N THR A 47 17.01 -2.11 -33.25
CA THR A 47 18.20 -1.56 -32.61
C THR A 47 17.87 -1.29 -31.15
N VAL A 48 18.65 -1.90 -30.26
CA VAL A 48 18.42 -1.79 -28.81
C VAL A 48 19.44 -0.81 -28.24
N LEU A 49 18.96 0.15 -27.47
CA LEU A 49 19.80 1.09 -26.74
C LEU A 49 19.51 0.94 -25.25
N TYR A 50 20.57 0.84 -24.45
CA TYR A 50 20.43 0.95 -23.00
C TYR A 50 21.25 2.15 -22.55
N ALA A 51 20.69 2.92 -21.63
CA ALA A 51 21.39 4.04 -21.02
C ALA A 51 21.43 3.79 -19.52
N ASP A 52 22.63 3.80 -18.95
CA ASP A 52 22.88 3.31 -17.60
C ASP A 52 23.67 4.36 -16.84
N LEU A 53 23.22 4.66 -15.64
CA LEU A 53 23.99 5.52 -14.74
C LEU A 53 25.03 4.68 -14.03
N ASP A 54 26.28 5.11 -14.09
CA ASP A 54 27.39 4.40 -13.49
C ASP A 54 27.73 4.97 -12.11
N GLY A 55 28.49 4.20 -11.35
CA GLY A 55 28.93 4.65 -10.04
C GLY A 55 27.83 4.78 -9.01
N SER A 56 26.74 4.04 -9.16
CA SER A 56 25.58 4.22 -8.28
C SER A 56 25.88 3.79 -6.85
N THR A 57 26.64 2.71 -6.65
CA THR A 57 26.95 2.27 -5.29
C THR A 57 27.74 3.33 -4.55
N ASP A 58 28.81 3.83 -5.18
CA ASP A 58 29.59 4.94 -4.64
C ASP A 58 28.65 6.07 -4.21
N VAL A 60 25.18 6.37 -3.96
CA VAL A 60 24.16 6.05 -2.96
C VAL A 60 24.77 5.86 -1.57
N ASN A 61 25.95 5.22 -1.48
CA ASN A 61 26.53 4.93 -0.17
C ASN A 61 27.07 6.19 0.52
N THR A 62 27.63 7.13 -0.23
CA THR A 62 28.34 8.22 0.41
C THR A 62 27.59 9.54 0.36
N LYS A 63 26.65 9.71 -0.56
CA LYS A 63 26.01 11.01 -0.76
C LYS A 63 24.70 11.10 0.02
N LYS A 64 24.36 12.34 0.38
CA LYS A 64 23.02 12.61 0.91
C LYS A 64 21.97 12.13 -0.08
N TRP A 65 20.91 11.54 0.45
CA TRP A 65 19.88 10.97 -0.44
C TRP A 65 19.32 12.02 -1.39
N GLN A 66 19.25 13.29 -0.97
CA GLN A 66 18.70 14.32 -1.84
C GLN A 66 19.56 14.50 -3.07
N PHE A 67 20.88 14.42 -2.91
CA PHE A 67 21.80 14.53 -4.04
C PHE A 67 21.65 13.34 -4.96
N SER A 68 21.70 12.12 -4.40
CA SER A 68 21.54 10.93 -5.23
C SER A 68 20.21 10.97 -5.99
N ALA A 69 19.13 11.37 -5.31
CA ALA A 69 17.83 11.41 -5.97
C ALA A 69 17.83 12.38 -7.14
N GLN A 70 18.48 13.54 -6.98
CA GLN A 70 18.54 14.51 -8.07
C GLN A 70 19.37 14.00 -9.24
N ILE A 71 20.45 13.26 -8.98
CA ILE A 71 21.25 12.69 -10.06
C ILE A 71 20.43 11.66 -10.83
N TYR A 72 19.78 10.72 -10.12
CA TYR A 72 18.94 9.74 -10.79
C TYR A 72 17.87 10.42 -11.61
N LYS A 73 17.16 11.37 -11.00
CA LYS A 73 16.04 12.01 -11.68
C LYS A 73 16.48 12.76 -12.93
N THR A 74 17.57 13.54 -12.82
CA THR A 74 17.98 14.33 -13.97
C THR A 74 18.55 13.45 -15.08
N PHE A 75 19.34 12.45 -14.73
CA PHE A 75 19.86 11.57 -15.77
C PHE A 75 18.73 10.84 -16.47
N LEU A 76 17.81 10.27 -15.69
CA LEU A 76 16.76 9.45 -16.28
C LEU A 76 15.79 10.28 -17.10
N LYS A 77 15.50 11.52 -16.67
CA LYS A 77 14.61 12.36 -17.47
C LYS A 77 15.28 12.85 -18.74
N CYS A 78 16.53 13.29 -18.65
CA CYS A 78 17.26 13.67 -19.86
C CYS A 78 17.35 12.51 -20.84
N ALA A 79 17.76 11.34 -20.35
CA ALA A 79 17.93 10.21 -21.24
C ALA A 79 16.60 9.82 -21.89
N SER A 80 15.54 9.74 -21.10
N SER A 80 15.54 9.74 -21.09
CA SER A 80 14.27 9.28 -21.65
CA SER A 80 14.25 9.29 -21.64
C SER A 80 13.65 10.33 -22.58
C SER A 80 13.67 10.33 -22.59
N ASP A 81 13.79 11.62 -22.26
CA ASP A 81 13.28 12.66 -23.14
C ASP A 81 14.02 12.64 -24.48
N ILE A 82 15.34 12.41 -24.45
CA ILE A 82 16.11 12.39 -25.69
C ILE A 82 15.79 11.14 -26.50
N ILE A 83 15.66 9.99 -25.83
CA ILE A 83 15.23 8.78 -26.54
C ILE A 83 13.91 9.01 -27.25
N ARG A 84 12.93 9.58 -26.54
CA ARG A 84 11.64 9.85 -27.17
C ARG A 84 11.77 10.84 -28.31
N ASP A 85 12.62 11.85 -28.14
CA ASP A 85 12.78 12.86 -29.19
C ASP A 85 13.34 12.25 -30.46
N GLU A 86 14.18 11.23 -30.34
CA GLU A 86 14.77 10.53 -31.47
C GLU A 86 13.90 9.39 -31.96
N GLY A 87 12.69 9.26 -31.44
CA GLY A 87 11.77 8.25 -31.93
C GLY A 87 11.93 6.87 -31.32
N GLY A 88 12.76 6.73 -30.30
CA GLY A 88 12.89 5.44 -29.65
C GLY A 88 11.69 5.11 -28.80
N ASN A 89 11.41 3.82 -28.68
CA ASN A 89 10.33 3.31 -27.85
C ASN A 89 10.94 2.79 -26.55
N ILE A 90 10.61 3.43 -25.43
CA ILE A 90 11.17 3.00 -24.15
C ILE A 90 10.44 1.75 -23.69
N THR A 91 11.19 0.65 -23.55
CA THR A 91 10.61 -0.66 -23.30
C THR A 91 10.85 -1.20 -21.89
N ALA A 92 11.78 -0.61 -21.13
CA ALA A 92 12.03 -1.11 -19.79
C ALA A 92 12.69 -0.01 -18.97
N TYR A 93 12.44 -0.05 -17.66
CA TYR A 93 13.15 0.81 -16.71
C TYR A 93 13.43 0.04 -15.44
N ASP A 94 14.65 0.13 -14.94
CA ASP A 94 14.99 -0.51 -13.67
C ASP A 94 16.20 0.21 -13.06
N GLY A 95 15.98 0.92 -11.96
CA GLY A 95 17.06 1.49 -11.20
C GLY A 95 17.94 2.46 -11.98
N ASP A 96 19.14 2.02 -12.34
CA ASP A 96 20.09 2.85 -13.05
C ASP A 96 19.84 2.90 -14.56
N ARG A 97 18.92 2.10 -15.09
CA ARG A 97 18.97 1.71 -16.50
C ARG A 97 17.65 1.91 -17.23
N VAL A 98 17.72 2.47 -18.44
N VAL A 98 17.72 2.48 -18.43
CA VAL A 98 16.59 2.61 -19.34
CA VAL A 98 16.57 2.58 -19.32
C VAL A 98 16.88 1.82 -20.61
C VAL A 98 16.87 1.80 -20.60
N ALA A 100 15.56 1.04 -24.63
CA ALA A 100 14.72 1.51 -25.73
C ALA A 100 14.99 0.68 -26.98
N VAL A 101 13.99 0.60 -27.84
CA VAL A 101 14.11 -0.08 -29.13
C VAL A 101 13.79 0.93 -30.22
N PHE A 102 14.67 1.01 -31.22
CA PHE A 102 14.50 1.86 -32.39
C PHE A 102 14.23 0.97 -33.60
N THR A 103 13.30 1.39 -34.45
CA THR A 103 13.00 0.67 -35.68
C THR A 103 12.90 1.66 -36.83
N GLY A 104 12.82 1.12 -38.04
CA GLY A 104 12.68 1.95 -39.22
C GLY A 104 14.00 2.15 -39.95
N ASN A 105 13.92 2.91 -41.04
CA ASN A 105 15.05 2.96 -41.98
C ASN A 105 16.21 3.82 -41.50
N SER A 106 16.08 4.55 -40.39
CA SER A 106 17.21 5.28 -39.82
C SER A 106 17.46 4.91 -38.37
N LYS A 107 17.12 3.67 -38.00
CA LYS A 107 17.17 3.27 -36.59
C LYS A 107 18.58 3.34 -36.00
N ASN A 108 19.59 2.98 -36.79
CA ASN A 108 20.94 2.98 -36.24
C ASN A 108 21.51 4.38 -36.10
N THR A 109 21.32 5.22 -37.12
CA THR A 109 21.75 6.61 -37.02
C THR A 109 20.98 7.35 -35.91
N SER A 110 19.68 7.07 -35.79
CA SER A 110 18.89 7.70 -34.72
C SER A 110 19.37 7.27 -33.35
N ALA A 111 19.58 5.96 -33.16
CA ALA A 111 20.02 5.48 -31.85
C ALA A 111 21.38 6.05 -31.50
N ALA A 112 22.32 6.08 -32.46
CA ALA A 112 23.65 6.60 -32.17
C ALA A 112 23.62 8.09 -31.86
N ARG A 113 22.86 8.85 -32.65
CA ARG A 113 22.72 10.27 -32.36
C ARG A 113 22.09 10.48 -30.99
N CYS A 114 21.09 9.66 -30.66
CA CYS A 114 20.52 9.66 -29.31
C CYS A 114 21.58 9.49 -28.24
N ALA A 115 22.45 8.49 -28.40
CA ALA A 115 23.49 8.24 -27.40
C ALA A 115 24.42 9.44 -27.27
N LEU A 116 24.84 10.02 -28.40
CA LEU A 116 25.74 11.16 -28.33
C LEU A 116 25.06 12.37 -27.74
N LYS A 117 23.74 12.52 -27.98
CA LYS A 117 22.98 13.60 -27.33
C LYS A 117 22.86 13.37 -25.82
N ILE A 118 22.73 12.11 -25.39
CA ILE A 118 22.70 11.83 -23.96
C ILE A 118 24.02 12.23 -23.32
N ASN A 119 25.14 11.95 -24.00
CA ASN A 119 26.43 12.40 -23.47
C ASN A 119 26.47 13.93 -23.35
N SER A 120 25.93 14.65 -24.33
CA SER A 120 25.86 16.11 -24.23
C SER A 120 24.99 16.53 -23.06
N ALA A 121 23.83 15.87 -22.88
CA ALA A 121 22.97 16.23 -21.76
C ALA A 121 23.71 16.06 -20.43
N VAL A 122 24.47 14.98 -20.30
CA VAL A 122 25.22 14.75 -19.07
C VAL A 122 26.30 15.82 -18.91
N LEU A 123 27.10 16.05 -19.94
CA LEU A 123 28.27 16.90 -19.78
C LEU A 123 27.94 18.38 -19.87
N ASP A 124 26.90 18.75 -20.63
CA ASP A 124 26.60 20.14 -20.90
C ASP A 124 25.38 20.67 -20.17
N ILE A 125 24.55 19.80 -19.61
CA ILE A 125 23.36 20.25 -18.89
C ILE A 125 23.43 19.84 -17.42
N ILE A 126 23.59 18.54 -17.17
CA ILE A 126 23.52 18.06 -15.79
C ILE A 126 24.78 18.44 -15.03
N GLN A 127 25.95 18.07 -15.57
CA GLN A 127 27.21 18.33 -14.89
C GLN A 127 27.41 19.79 -14.47
N PRO A 128 27.17 20.79 -15.33
CA PRO A 128 27.32 22.17 -14.86
C PRO A 128 26.35 22.54 -13.76
N ALA A 129 25.13 21.99 -13.80
CA ALA A 129 24.20 22.21 -12.70
C ALA A 129 24.68 21.55 -11.41
N ILE A 130 25.38 20.42 -11.53
CA ILE A 130 25.92 19.75 -10.34
C ILE A 130 26.97 20.62 -9.68
N ALA A 131 27.94 21.09 -10.47
CA ALA A 131 29.03 21.88 -9.89
C ALA A 131 28.53 23.20 -9.34
N LYS A 132 27.44 23.74 -9.88
CA LYS A 132 27.00 25.08 -9.51
C LYS A 132 26.12 25.08 -8.26
N LYS A 133 25.18 24.14 -8.16
CA LYS A 133 24.23 24.16 -7.05
C LYS A 133 24.73 23.42 -5.81
N TRP A 134 25.56 22.38 -5.96
CA TRP A 134 26.07 21.64 -4.81
C TRP A 134 27.55 21.90 -4.51
N GLN A 135 28.25 22.68 -5.34
CA GLN A 135 29.67 23.04 -5.11
C GLN A 135 30.55 21.81 -4.92
N THR A 136 30.44 20.85 -5.84
CA THR A 136 31.08 19.56 -5.68
C THR A 136 31.96 19.23 -6.89
N ASP A 137 32.91 18.33 -6.67
CA ASP A 137 33.73 17.78 -7.74
C ASP A 137 33.21 16.45 -8.27
N PHE A 138 32.05 16.01 -7.78
CA PHE A 138 31.43 14.79 -8.28
C PHE A 138 31.25 14.86 -9.79
N VAL A 139 31.59 13.77 -10.47
CA VAL A 139 31.47 13.64 -11.92
C VAL A 139 30.44 12.56 -12.21
N LEU A 140 29.40 12.92 -12.96
CA LEU A 140 28.37 11.96 -13.35
C LEU A 140 28.92 11.08 -14.45
N ARG A 141 28.98 9.77 -14.19
CA ARG A 141 29.42 8.80 -15.17
C ARG A 141 28.24 7.95 -15.64
N HIS A 142 28.23 7.61 -16.92
CA HIS A 142 27.14 6.86 -17.51
C HIS A 142 27.67 6.16 -18.75
N VAL A 143 26.93 5.16 -19.21
CA VAL A 143 27.24 4.47 -20.46
C VAL A 143 25.95 4.24 -21.24
N VAL A 144 26.02 4.47 -22.55
CA VAL A 144 24.97 4.08 -23.48
C VAL A 144 25.53 3.00 -24.41
N GLY A 145 24.87 1.86 -24.47
CA GLY A 145 25.31 0.74 -25.31
C GLY A 145 24.23 0.45 -26.35
N ILE A 146 24.66 0.10 -27.55
CA ILE A 146 23.75 -0.12 -28.68
C ILE A 146 24.18 -1.34 -29.49
N ASP A 147 23.21 -2.16 -29.84
CA ASP A 147 23.40 -3.25 -30.79
C ASP A 147 22.15 -3.33 -31.67
N THR A 148 22.25 -4.07 -32.77
CA THR A 148 21.13 -4.24 -33.69
C THR A 148 21.09 -5.69 -34.16
N SER A 149 19.91 -6.28 -34.16
CA SER A 149 19.77 -7.69 -34.50
C SER A 149 18.30 -8.01 -34.68
N GLN A 150 18.03 -9.24 -35.10
CA GLN A 150 16.68 -9.79 -34.99
C GLN A 150 16.28 -9.87 -33.53
N LEU A 151 15.02 -9.56 -33.24
CA LEU A 151 14.45 -9.72 -31.91
C LEU A 151 13.06 -10.33 -32.03
N ARG A 152 12.72 -11.18 -31.09
CA ARG A 152 11.34 -11.61 -30.90
C ARG A 152 10.84 -11.08 -29.57
N THR A 153 9.54 -10.83 -29.49
CA THR A 153 8.98 -10.29 -28.25
C THR A 153 7.65 -10.94 -27.93
N ALA A 154 7.42 -11.15 -26.64
CA ALA A 154 6.20 -11.73 -26.11
C ALA A 154 5.70 -10.87 -24.96
N ARG A 155 4.39 -10.97 -24.68
CA ARG A 155 3.74 -10.15 -23.67
C ARG A 155 3.64 -10.90 -22.36
N ILE A 156 4.15 -10.29 -21.28
CA ILE A 156 4.20 -10.90 -19.97
C ILE A 156 3.61 -9.93 -18.94
N GLY A 157 3.44 -10.42 -17.72
CA GLY A 157 2.76 -9.64 -16.70
C GLY A 157 3.57 -9.51 -15.42
N ILE A 158 4.48 -8.54 -15.39
CA ILE A 158 5.40 -8.39 -14.27
C ILE A 158 4.99 -7.16 -13.46
N ARG A 159 5.22 -5.97 -14.02
CA ARG A 159 4.69 -4.75 -13.43
C ARG A 159 3.19 -4.63 -13.65
N GLY A 160 2.72 -5.13 -14.79
CA GLY A 160 1.32 -5.17 -15.10
C GLY A 160 1.11 -6.05 -16.31
N ASP A 161 -0.11 -6.06 -16.82
CA ASP A 161 -0.43 -7.00 -17.90
C ASP A 161 0.14 -6.59 -19.25
N ASN A 162 0.96 -5.53 -19.33
CA ASN A 162 1.37 -4.98 -20.62
C ASN A 162 2.88 -4.97 -20.82
N ASP A 163 3.62 -5.81 -20.09
CA ASP A 163 5.07 -5.84 -20.26
C ASP A 163 5.45 -6.65 -21.49
N LEU A 164 6.61 -6.32 -22.05
CA LEU A 164 7.18 -7.06 -23.15
C LEU A 164 8.55 -7.58 -22.77
N VAL A 165 8.82 -8.83 -23.12
CA VAL A 165 10.15 -9.42 -22.99
C VAL A 165 10.75 -9.53 -24.38
N TRP A 166 12.05 -9.29 -24.48
CA TRP A 166 12.75 -9.23 -25.76
C TRP A 166 13.79 -10.34 -25.81
N ILE A 167 13.72 -11.15 -26.86
CA ILE A 167 14.60 -12.31 -27.04
C ILE A 167 15.42 -12.08 -28.30
N GLY A 168 16.73 -11.92 -28.15
CA GLY A 168 17.59 -11.74 -29.30
C GLY A 168 18.89 -11.09 -28.90
N ARG A 169 19.84 -11.15 -29.84
CA ARG A 169 21.22 -10.76 -29.52
C ARG A 169 21.29 -9.33 -29.02
N ALA A 170 20.63 -8.40 -29.71
CA ALA A 170 20.83 -6.99 -29.38
C ALA A 170 20.33 -6.66 -27.98
N ALA A 171 19.29 -7.35 -27.50
CA ALA A 171 18.81 -7.08 -26.15
C ALA A 171 19.85 -7.44 -25.11
N ASN A 172 20.61 -8.51 -25.37
CA ASN A 172 21.65 -8.91 -24.42
C ASN A 172 22.94 -8.12 -24.63
N TYR A 173 23.38 -7.94 -25.88
CA TYR A 173 24.68 -7.31 -26.12
C TYR A 173 24.66 -5.84 -25.75
N ALA A 174 23.57 -5.13 -26.08
CA ALA A 174 23.52 -3.72 -25.70
C ALA A 174 23.62 -3.56 -24.19
N ALA A 175 23.01 -4.47 -23.43
CA ALA A 175 23.09 -4.40 -21.98
C ALA A 175 24.51 -4.70 -21.50
N LYS A 176 25.16 -5.71 -22.08
CA LYS A 176 26.53 -6.03 -21.70
C LYS A 176 27.47 -4.87 -21.97
N LEU A 177 27.28 -4.17 -23.10
CA LEU A 177 28.13 -3.03 -23.40
C LEU A 177 28.02 -1.94 -22.35
N THR A 178 26.82 -1.70 -21.81
CA THR A 178 26.69 -0.67 -20.78
C THR A 178 27.31 -1.09 -19.45
N ASN A 179 27.61 -2.38 -19.26
CA ASN A 179 28.31 -2.82 -18.06
C ASN A 179 29.80 -2.53 -18.10
N LEU A 180 30.32 -2.10 -19.24
CA LEU A 180 31.74 -1.81 -19.37
C LEU A 180 32.01 -0.35 -19.02
N ALA A 181 33.17 -0.11 -18.41
CA ALA A 181 33.51 1.23 -17.96
C ALA A 181 34.39 1.96 -18.96
N GLY A 182 34.43 3.28 -18.83
CA GLY A 182 35.43 4.09 -19.46
C GLY A 182 35.00 4.86 -20.70
N LYS A 183 33.86 4.51 -21.30
CA LYS A 183 33.42 5.20 -22.51
C LYS A 183 31.93 5.49 -22.39
N PRO A 184 31.49 6.73 -22.68
CA PRO A 184 30.07 7.04 -22.53
C PRO A 184 29.18 6.42 -23.60
N THR A 185 29.72 6.04 -24.77
CA THR A 185 28.93 5.38 -25.81
C THR A 185 29.73 4.23 -26.39
N ARG A 186 29.09 3.07 -26.52
CA ARG A 186 29.68 1.89 -27.14
C ARG A 186 28.64 1.27 -28.04
N ILE A 187 29.02 0.93 -29.27
CA ILE A 187 28.12 0.33 -30.24
C ILE A 187 28.81 -0.84 -30.91
N THR A 188 28.02 -1.81 -31.36
CA THR A 188 28.62 -2.89 -32.13
C THR A 188 28.90 -2.43 -33.56
N ALA A 189 29.72 -3.22 -34.26
CA ALA A 189 30.02 -2.91 -35.66
C ALA A 189 28.76 -2.92 -36.51
N ASP A 190 27.79 -3.78 -36.18
CA ASP A 190 26.56 -3.79 -36.97
C ASP A 190 25.82 -2.47 -36.91
N VAL A 191 25.94 -1.75 -35.80
CA VAL A 191 25.39 -0.39 -35.72
C VAL A 191 26.27 0.57 -36.48
N TYR A 192 27.58 0.57 -36.19
CA TYR A 192 28.50 1.50 -36.83
C TYR A 192 28.43 1.43 -38.35
N ASN A 193 28.36 0.22 -38.90
CA ASN A 193 28.38 0.03 -40.35
C ASN A 193 27.12 0.52 -41.04
N LYS A 194 26.09 0.89 -40.30
CA LYS A 194 24.87 1.45 -40.87
C LYS A 194 24.77 2.96 -40.64
N LEU A 195 25.72 3.55 -39.92
CA LEU A 195 25.64 4.97 -39.61
C LEU A 195 25.85 5.82 -40.84
N ALA A 196 25.05 6.88 -40.96
CA ALA A 196 25.31 7.92 -41.94
C ALA A 196 26.65 8.58 -41.64
N ASP A 197 27.27 9.14 -42.69
CA ASP A 197 28.59 9.74 -42.52
C ASP A 197 28.60 10.85 -41.48
N LYS A 198 27.51 11.61 -41.35
CA LYS A 198 27.47 12.69 -40.38
C LYS A 198 27.49 12.19 -38.95
N LEU A 199 27.23 10.90 -38.74
CA LEU A 199 27.35 10.33 -37.41
C LEU A 199 28.70 9.67 -37.17
N LYS A 200 29.59 9.69 -38.16
CA LYS A 200 30.91 9.06 -38.02
C LYS A 200 32.07 10.03 -38.08
N TYR A 201 31.97 11.11 -38.84
CA TYR A 201 33.07 12.03 -39.02
C TYR A 201 32.59 13.45 -38.80
N ALA A 202 33.44 14.27 -38.18
CA ALA A 202 33.16 15.69 -37.99
C ALA A 202 34.45 16.46 -38.16
N ASN A 203 34.43 17.48 -39.02
CA ASN A 203 35.60 18.34 -39.26
C ASN A 203 36.83 17.52 -39.64
N GLY A 204 36.62 16.43 -40.38
CA GLY A 204 37.69 15.55 -40.78
C GLY A 204 38.19 14.62 -39.70
N VAL A 205 37.53 14.55 -38.55
CA VAL A 205 38.00 13.77 -37.40
C VAL A 205 37.05 12.62 -37.16
N ASP A 206 37.60 11.45 -36.82
CA ASP A 206 36.78 10.30 -36.46
C ASP A 206 36.05 10.59 -35.16
N TRP A 208 34.50 8.04 -33.68
CA TRP A 208 34.49 6.72 -33.06
C TRP A 208 35.87 6.09 -33.09
N ALA A 209 36.15 5.25 -32.10
CA ALA A 209 37.36 4.45 -32.08
C ALA A 209 37.01 2.97 -32.07
N PRO A 210 37.69 2.16 -32.89
CA PRO A 210 37.41 0.72 -32.91
C PRO A 210 38.01 0.01 -31.70
N GLU A 211 37.27 -0.99 -31.21
CA GLU A 211 37.73 -1.82 -30.11
C GLU A 211 37.15 -3.21 -30.32
N HIS A 212 38.02 -4.21 -30.47
CA HIS A 212 37.50 -5.54 -30.75
C HIS A 212 36.97 -6.19 -29.49
N TRP A 213 35.75 -6.72 -29.58
CA TRP A 213 35.10 -7.37 -28.44
C TRP A 213 35.49 -8.84 -28.51
N ASP A 214 36.62 -9.16 -27.88
CA ASP A 214 37.19 -10.50 -28.02
C ASP A 214 36.21 -11.58 -27.57
N ASP A 215 35.46 -11.33 -26.48
CA ASP A 215 34.54 -12.34 -25.96
C ASP A 215 33.43 -12.68 -26.97
N GLY A 217 33.56 -12.00 -30.38
CA GLY A 217 34.05 -12.20 -31.72
C GLY A 217 33.55 -11.19 -32.74
N ILE A 218 33.27 -9.96 -32.31
CA ILE A 218 32.85 -8.89 -33.19
C ILE A 218 33.58 -7.60 -32.81
N TRP A 219 33.66 -6.69 -33.76
CA TRP A 219 34.17 -5.35 -33.49
C TRP A 219 33.10 -4.50 -32.83
N THR A 220 33.55 -3.58 -31.97
CA THR A 220 32.71 -2.51 -31.44
C THR A 220 33.42 -1.19 -31.69
N TYR A 221 32.69 -0.10 -31.43
CA TYR A 221 33.19 1.25 -31.62
C TYR A 221 32.75 2.07 -30.42
N THR A 222 33.66 2.88 -29.90
CA THR A 222 33.38 3.70 -28.73
C THR A 222 33.49 5.16 -29.11
N SER A 223 32.82 6.02 -28.35
CA SER A 223 32.87 7.44 -28.61
C SER A 223 32.72 8.22 -27.31
N THR A 224 33.49 9.30 -27.20
CA THR A 224 33.29 10.32 -26.19
C THR A 224 32.62 11.57 -26.76
N TRP A 225 32.16 11.49 -28.01
CA TRP A 225 31.56 12.65 -28.66
C TRP A 225 30.29 13.09 -27.92
N LYS A 226 30.03 14.38 -27.94
CA LYS A 226 28.78 14.94 -27.43
C LYS A 226 28.11 15.73 -28.54
N TRP A 227 26.85 15.39 -28.80
CA TRP A 227 26.05 15.95 -29.88
C TRP A 227 25.04 16.90 -29.25
N THR A 228 25.05 18.16 -29.67
CA THR A 228 24.25 19.17 -29.01
C THR A 228 22.76 18.80 -29.04
N VAL A 229 22.12 18.89 -27.89
CA VAL A 229 20.70 18.60 -27.76
C VAL A 229 19.88 19.73 -28.35
N SER B 1 16.92 24.23 -29.13
CA SER B 1 15.69 23.46 -29.32
C SER B 1 14.78 23.60 -28.11
N ALA B 2 13.49 23.33 -28.29
CA ALA B 2 12.59 23.25 -27.15
C ALA B 2 13.10 22.22 -26.13
N LEU B 3 13.68 21.14 -26.63
CA LEU B 3 14.13 20.08 -25.73
C LEU B 3 15.27 20.54 -24.83
N ALA B 4 16.32 21.11 -25.42
CA ALA B 4 17.47 21.52 -24.62
C ALA B 4 17.11 22.64 -23.65
N ASP B 5 16.26 23.57 -24.09
CA ASP B 5 15.80 24.64 -23.21
C ASP B 5 14.99 24.09 -22.05
N ASP B 6 14.06 23.19 -22.34
CA ASP B 6 13.22 22.62 -21.29
C ASP B 6 14.06 21.81 -20.31
N LEU B 7 15.02 21.04 -20.82
CA LEU B 7 15.87 20.25 -19.94
C LEU B 7 16.73 21.14 -19.05
N LYS B 8 17.35 22.18 -19.63
CA LYS B 8 18.18 23.06 -18.82
C LYS B 8 17.37 23.72 -17.70
N LYS B 9 16.16 24.16 -18.00
CA LYS B 9 15.34 24.81 -16.98
C LYS B 9 14.91 23.81 -15.91
N TRP B 10 14.44 22.63 -16.33
CA TRP B 10 13.95 21.66 -15.36
C TRP B 10 15.09 21.07 -14.54
N VAL B 11 16.24 20.81 -15.17
CA VAL B 11 17.39 20.30 -14.43
C VAL B 11 17.83 21.31 -13.38
N GLY B 12 17.88 22.59 -13.74
CA GLY B 12 18.25 23.62 -12.78
C GLY B 12 17.29 23.68 -11.61
N GLU B 13 15.99 23.65 -11.90
CA GLU B 13 14.99 23.68 -10.82
C GLU B 13 15.10 22.44 -9.94
N THR B 14 15.47 21.29 -10.53
CA THR B 14 15.59 20.06 -9.75
C THR B 14 16.76 20.12 -8.78
N PHE B 15 17.86 20.76 -9.19
CA PHE B 15 18.98 20.89 -8.26
C PHE B 15 18.75 22.00 -7.23
N THR B 16 18.00 23.04 -7.58
CA THR B 16 17.84 24.17 -6.66
C THR B 16 16.65 24.05 -5.72
N GLY B 17 15.61 23.32 -6.12
CA GLY B 17 14.39 23.26 -5.31
C GLY B 17 14.56 22.38 -4.08
N LYS B 18 14.02 22.86 -2.96
CA LYS B 18 14.03 22.07 -1.74
C LYS B 18 13.05 20.91 -1.85
N TRP B 19 13.37 19.82 -1.16
CA TRP B 19 12.55 18.61 -1.22
C TRP B 19 11.38 18.70 -0.25
N GLU B 20 10.21 18.27 -0.73
CA GLU B 20 9.06 18.01 0.11
C GLU B 20 8.98 16.50 0.33
N VAL B 21 8.92 16.08 1.60
CA VAL B 21 9.04 14.67 1.95
C VAL B 21 7.97 14.31 2.97
N GLN B 22 7.26 13.21 2.74
CA GLN B 22 6.38 12.65 3.75
C GLN B 22 6.76 11.20 4.01
N GLU B 23 6.63 10.78 5.26
CA GLU B 23 6.88 9.40 5.63
C GLU B 23 5.68 8.53 5.28
N THR B 24 5.95 7.31 4.83
CA THR B 24 4.90 6.34 4.57
C THR B 24 5.40 4.96 4.98
N THR B 25 4.45 4.07 5.24
CA THR B 25 4.75 2.73 5.73
C THR B 25 4.52 1.65 4.68
N SER B 26 3.95 1.99 3.54
CA SER B 26 3.76 1.05 2.45
C SER B 26 4.30 1.64 1.16
N VAL B 27 4.49 0.78 0.16
CA VAL B 27 4.88 1.23 -1.17
C VAL B 27 3.80 2.20 -1.68
N PRO B 28 4.16 3.43 -2.06
CA PRO B 28 3.13 4.37 -2.50
C PRO B 28 2.57 4.02 -3.86
N ASN B 29 1.32 4.44 -4.09
CA ASN B 29 0.85 4.54 -5.45
C ASN B 29 1.67 5.63 -6.15
N PRO B 30 2.08 5.42 -7.40
CA PRO B 30 2.76 6.51 -8.12
C PRO B 30 2.00 7.82 -8.06
N GLU B 31 0.66 7.77 -7.99
CA GLU B 31 -0.17 8.97 -7.89
C GLU B 31 -0.05 9.68 -6.55
N ASP B 32 0.56 9.04 -5.54
CA ASP B 32 0.81 9.71 -4.27
C ASP B 32 1.86 10.81 -4.40
N LEU B 33 2.56 10.87 -5.53
CA LEU B 33 3.72 11.74 -5.69
C LEU B 33 3.56 12.63 -6.92
N ARG B 34 4.15 13.82 -6.83
CA ARG B 34 4.16 14.73 -7.96
C ARG B 34 5.20 14.31 -8.98
N LEU B 35 4.81 14.26 -10.25
CA LEU B 35 5.69 13.77 -11.30
C LEU B 35 6.81 14.77 -11.58
N ASN B 36 8.04 14.25 -11.70
CA ASN B 36 9.19 15.06 -12.08
C ASN B 36 9.33 16.30 -11.20
N SER B 37 9.23 16.06 -9.89
N SER B 37 9.22 16.07 -9.89
CA SER B 37 9.25 17.13 -8.89
CA SER B 37 9.29 17.14 -8.91
C SER B 37 10.09 16.66 -7.71
C SER B 37 10.13 16.67 -7.74
N ASN B 38 10.56 17.62 -6.91
CA ASN B 38 11.34 17.30 -5.72
C ASN B 38 10.38 16.95 -4.57
N HIS B 39 9.69 15.85 -4.76
CA HIS B 39 8.67 15.34 -3.85
C HIS B 39 8.98 13.87 -3.64
N ALA B 40 9.19 13.46 -2.39
CA ALA B 40 9.56 12.09 -2.10
C ALA B 40 8.71 11.52 -0.97
N LYS B 41 8.58 10.21 -0.96
CA LYS B 41 8.08 9.49 0.19
C LYS B 41 9.25 8.80 0.87
N ASP B 42 9.23 8.78 2.19
CA ASP B 42 10.31 8.24 3.01
C ASP B 42 9.78 6.97 3.67
N LEU B 43 10.29 5.81 3.26
CA LEU B 43 9.97 4.53 3.88
C LEU B 43 11.09 4.21 4.86
N LYS B 44 10.80 4.35 6.15
CA LYS B 44 11.85 4.16 7.15
C LYS B 44 12.46 2.76 7.10
N ALA B 45 11.66 1.76 6.77
CA ALA B 45 12.14 0.38 6.72
C ALA B 45 11.47 -0.32 5.55
N ALA B 46 12.27 -0.86 4.65
CA ALA B 46 11.75 -1.58 3.51
C ALA B 46 12.72 -2.70 3.17
N THR B 47 12.20 -3.75 2.54
CA THR B 47 13.02 -4.87 2.12
C THR B 47 12.92 -4.99 0.60
N VAL B 48 14.07 -5.00 -0.06
CA VAL B 48 14.13 -5.06 -1.52
C VAL B 48 14.59 -6.45 -1.91
N LEU B 49 13.87 -7.05 -2.85
CA LEU B 49 14.20 -8.33 -3.43
C LEU B 49 14.40 -8.15 -4.93
N TYR B 50 15.49 -8.68 -5.46
CA TYR B 50 15.69 -8.77 -6.89
C TYR B 50 15.83 -10.22 -7.29
N ALA B 51 15.24 -10.59 -8.42
CA ALA B 51 15.34 -11.95 -8.93
C ALA B 51 15.75 -11.86 -10.39
N ASP B 52 16.81 -12.57 -10.77
CA ASP B 52 17.23 -12.52 -12.16
C ASP B 52 17.80 -13.85 -12.62
N LEU B 53 17.81 -14.03 -13.94
CA LEU B 53 18.48 -15.16 -14.55
C LEU B 53 19.98 -14.90 -14.58
N ASP B 54 20.75 -15.99 -14.60
CA ASP B 54 22.19 -15.93 -14.71
C ASP B 54 22.59 -16.67 -15.99
N GLY B 55 23.22 -15.95 -16.91
CA GLY B 55 23.69 -16.55 -18.14
C GLY B 55 22.72 -16.50 -19.30
N SER B 56 21.82 -15.52 -19.33
CA SER B 56 20.85 -15.44 -20.42
C SER B 56 21.50 -15.10 -21.75
N THR B 57 22.60 -14.35 -21.74
CA THR B 57 23.22 -13.97 -23.00
C THR B 57 23.72 -15.20 -23.77
N ASP B 58 24.44 -16.09 -23.10
CA ASP B 58 24.93 -17.28 -23.80
C ASP B 58 23.79 -18.17 -24.24
N VAL B 60 20.67 -17.22 -25.07
CA VAL B 60 20.04 -16.61 -26.24
C VAL B 60 20.90 -16.82 -27.47
N ASN B 61 22.22 -16.76 -27.31
CA ASN B 61 23.13 -16.89 -28.44
C ASN B 61 23.25 -18.31 -28.96
N THR B 62 22.91 -19.32 -28.15
CA THR B 62 23.18 -20.70 -28.52
C THR B 62 21.95 -21.58 -28.64
N LYS B 63 20.85 -21.26 -27.98
CA LYS B 63 19.68 -22.12 -27.95
C LYS B 63 18.65 -21.61 -28.95
N LYS B 64 17.73 -22.51 -29.32
CA LYS B 64 16.58 -22.09 -30.14
C LYS B 64 15.85 -20.95 -29.44
N TRP B 65 15.37 -19.99 -30.24
CA TRP B 65 14.69 -18.85 -29.64
C TRP B 65 13.48 -19.28 -28.83
N GLN B 66 12.78 -20.34 -29.25
CA GLN B 66 11.64 -20.82 -28.48
C GLN B 66 12.07 -21.24 -27.09
N PHE B 67 13.23 -21.88 -26.99
CA PHE B 67 13.75 -22.31 -25.69
C PHE B 67 14.05 -21.10 -24.80
N SER B 68 14.81 -20.13 -25.32
CA SER B 68 15.12 -18.94 -24.55
C SER B 68 13.85 -18.21 -24.12
N ALA B 69 12.89 -18.06 -25.04
CA ALA B 69 11.65 -17.39 -24.70
C ALA B 69 10.90 -18.14 -23.60
N GLN B 70 10.91 -19.48 -23.65
CA GLN B 70 10.26 -20.25 -22.61
C GLN B 70 10.95 -20.09 -21.26
N ILE B 71 12.28 -20.06 -21.27
CA ILE B 71 13.02 -19.86 -20.02
C ILE B 71 12.69 -18.51 -19.41
N TYR B 72 12.78 -17.45 -20.22
CA TYR B 72 12.46 -16.11 -19.71
C TYR B 72 11.03 -16.06 -19.20
N LYS B 73 10.08 -16.53 -20.01
CA LYS B 73 8.67 -16.42 -19.63
C LYS B 73 8.36 -17.21 -18.36
N THR B 74 8.84 -18.45 -18.27
CA THR B 74 8.48 -19.25 -17.11
C THR B 74 9.18 -18.76 -15.85
N PHE B 75 10.45 -18.36 -15.94
CA PHE B 75 11.11 -17.82 -14.77
C PHE B 75 10.41 -16.55 -14.30
N LEU B 76 10.12 -15.64 -15.22
CA LEU B 76 9.57 -14.34 -14.83
C LEU B 76 8.15 -14.47 -14.29
N LYS B 77 7.34 -15.35 -14.88
CA LYS B 77 5.99 -15.55 -14.35
C LYS B 77 6.03 -16.24 -12.99
N CYS B 78 6.85 -17.28 -12.85
CA CYS B 78 6.97 -17.92 -11.53
C CYS B 78 7.45 -16.92 -10.48
N ALA B 79 8.51 -16.18 -10.78
CA ALA B 79 9.07 -15.25 -9.79
C ALA B 79 8.05 -14.17 -9.43
N SER B 80 7.42 -13.58 -10.44
CA SER B 80 6.50 -12.48 -10.16
C SER B 80 5.24 -12.97 -9.46
N ASP B 81 4.71 -14.14 -9.85
CA ASP B 81 3.55 -14.69 -9.16
C ASP B 81 3.88 -14.99 -7.70
N ILE B 82 5.08 -15.53 -7.43
CA ILE B 82 5.44 -15.86 -6.06
C ILE B 82 5.64 -14.59 -5.23
N ILE B 83 6.29 -13.58 -5.81
CA ILE B 83 6.44 -12.29 -5.14
C ILE B 83 5.09 -11.73 -4.75
N ARG B 84 4.15 -11.68 -5.70
CA ARG B 84 2.84 -11.13 -5.38
C ARG B 84 2.13 -12.00 -4.34
N ASP B 85 2.32 -13.31 -4.41
CA ASP B 85 1.68 -14.22 -3.45
C ASP B 85 2.17 -13.96 -2.03
N GLU B 86 3.43 -13.58 -1.88
CA GLU B 86 4.02 -13.26 -0.59
C GLU B 86 3.79 -11.81 -0.17
N GLY B 87 2.98 -11.07 -0.91
CA GLY B 87 2.64 -9.72 -0.53
C GLY B 87 3.63 -8.66 -0.96
N GLY B 88 4.61 -9.02 -1.79
CA GLY B 88 5.52 -8.02 -2.29
C GLY B 88 4.90 -7.18 -3.41
N ASN B 89 5.46 -6.00 -3.60
CA ASN B 89 5.04 -5.08 -4.64
C ASN B 89 6.11 -5.03 -5.71
N ILE B 90 5.78 -5.43 -6.93
CA ILE B 90 6.75 -5.40 -8.01
C ILE B 90 6.96 -3.97 -8.45
N THR B 91 8.20 -3.50 -8.36
CA THR B 91 8.52 -2.11 -8.59
C THR B 91 9.35 -1.86 -9.83
N ALA B 92 9.90 -2.89 -10.45
CA ALA B 92 10.67 -2.72 -11.68
C ALA B 92 10.75 -4.04 -12.41
N TYR B 93 10.86 -3.96 -13.74
CA TYR B 93 11.09 -5.12 -14.59
C TYR B 93 12.00 -4.71 -15.75
N ASP B 94 13.02 -5.52 -16.01
CA ASP B 94 13.91 -5.28 -17.16
C ASP B 94 14.52 -6.60 -17.59
N GLY B 95 14.10 -7.08 -18.75
CA GLY B 95 14.73 -8.25 -19.36
C GLY B 95 14.56 -9.53 -18.57
N ASP B 96 15.62 -9.94 -17.88
CA ASP B 96 15.60 -11.16 -17.08
C ASP B 96 15.52 -10.87 -15.59
N ARG B 97 15.17 -9.64 -15.19
CA ARG B 97 15.29 -9.21 -13.80
C ARG B 97 14.00 -8.56 -13.32
N VAL B 98 13.61 -8.89 -12.09
N VAL B 98 13.60 -8.88 -12.09
CA VAL B 98 12.43 -8.35 -11.43
CA VAL B 98 12.42 -8.31 -11.47
C VAL B 98 12.85 -7.75 -10.10
C VAL B 98 12.80 -7.78 -10.10
N ALA B 100 11.26 -6.14 -6.41
CA ALA B 100 10.08 -5.99 -5.55
C ALA B 100 10.47 -5.36 -4.22
N VAL B 101 9.50 -4.70 -3.60
CA VAL B 101 9.66 -4.09 -2.29
C VAL B 101 8.62 -4.70 -1.35
N PHE B 102 9.07 -5.14 -0.18
CA PHE B 102 8.24 -5.69 0.87
C PHE B 102 8.24 -4.75 2.05
N THR B 103 7.07 -4.56 2.66
CA THR B 103 6.92 -3.71 3.84
C THR B 103 6.10 -4.46 4.88
N GLY B 104 6.13 -3.95 6.11
CA GLY B 104 5.34 -4.52 7.18
C GLY B 104 6.17 -5.35 8.15
N ASN B 105 5.46 -5.87 9.15
CA ASN B 105 6.11 -6.50 10.30
C ASN B 105 6.77 -7.83 9.97
N SER B 106 6.46 -8.44 8.83
CA SER B 106 7.07 -9.70 8.44
C SER B 106 7.80 -9.59 7.10
N LYS B 107 8.25 -8.38 6.76
CA LYS B 107 8.79 -8.15 5.41
C LYS B 107 10.04 -8.98 5.12
N ASN B 108 10.93 -9.15 6.11
CA ASN B 108 12.16 -9.90 5.84
C ASN B 108 11.89 -11.39 5.74
N THR B 109 11.04 -11.92 6.62
CA THR B 109 10.69 -13.33 6.55
C THR B 109 9.93 -13.63 5.27
N SER B 110 9.02 -12.74 4.87
CA SER B 110 8.27 -12.95 3.63
C SER B 110 9.18 -12.91 2.41
N ALA B 111 10.10 -11.94 2.35
CA ALA B 111 11.01 -11.85 1.23
C ALA B 111 11.91 -13.08 1.15
N ALA B 112 12.43 -13.53 2.29
CA ALA B 112 13.31 -14.70 2.28
C ALA B 112 12.54 -15.96 1.88
N ARG B 113 11.33 -16.12 2.40
CA ARG B 113 10.52 -17.26 2.00
C ARG B 113 10.20 -17.19 0.53
N CYS B 114 9.92 -15.98 0.03
CA CYS B 114 9.73 -15.77 -1.41
C CYS B 114 10.93 -16.28 -2.19
N ALA B 115 12.15 -15.94 -1.75
CA ALA B 115 13.35 -16.37 -2.46
C ALA B 115 13.48 -17.89 -2.47
N LEU B 116 13.22 -18.53 -1.34
CA LEU B 116 13.33 -19.99 -1.29
C LEU B 116 12.25 -20.67 -2.13
N LYS B 117 11.05 -20.07 -2.18
CA LYS B 117 10.01 -20.56 -3.08
C LYS B 117 10.41 -20.41 -4.55
N ILE B 118 11.06 -19.29 -4.89
CA ILE B 118 11.52 -19.12 -6.27
C ILE B 118 12.52 -20.21 -6.63
N ASN B 119 13.41 -20.54 -5.70
CA ASN B 119 14.33 -21.65 -5.94
C ASN B 119 13.58 -22.95 -6.17
N SER B 120 12.52 -23.20 -5.41
CA SER B 120 11.70 -24.39 -5.63
C SER B 120 11.04 -24.34 -7.00
N ALA B 121 10.48 -23.18 -7.38
CA ALA B 121 9.87 -23.07 -8.71
C ALA B 121 10.87 -23.43 -9.79
N VAL B 122 12.12 -22.98 -9.65
CA VAL B 122 13.13 -23.27 -10.65
C VAL B 122 13.47 -24.76 -10.64
N LEU B 123 13.77 -25.31 -9.46
CA LEU B 123 14.30 -26.66 -9.41
C LEU B 123 13.21 -27.72 -9.55
N ASP B 124 12.00 -27.45 -9.04
CA ASP B 124 10.94 -28.44 -8.96
C ASP B 124 9.84 -28.25 -10.00
N ILE B 125 9.77 -27.09 -10.65
CA ILE B 125 8.73 -26.85 -11.64
C ILE B 125 9.35 -26.65 -13.01
N ILE B 126 10.20 -25.62 -13.15
CA ILE B 126 10.72 -25.28 -14.47
C ILE B 126 11.72 -26.31 -14.95
N GLN B 127 12.70 -26.68 -14.10
CA GLN B 127 13.73 -27.60 -14.56
C GLN B 127 13.17 -28.96 -15.00
N PRO B 128 12.24 -29.60 -14.29
CA PRO B 128 11.65 -30.82 -14.84
C PRO B 128 10.91 -30.59 -16.15
N ALA B 129 10.32 -29.42 -16.35
CA ALA B 129 9.65 -29.14 -17.61
C ALA B 129 10.65 -28.99 -18.75
N ILE B 130 11.81 -28.37 -18.48
CA ILE B 130 12.91 -28.36 -19.43
C ILE B 130 13.29 -29.79 -19.81
N ALA B 131 13.52 -30.62 -18.79
CA ALA B 131 13.94 -32.00 -19.04
C ALA B 131 12.90 -32.74 -19.87
N LYS B 132 11.61 -32.55 -19.56
CA LYS B 132 10.58 -33.32 -20.23
C LYS B 132 10.43 -32.91 -21.69
N LYS B 133 10.40 -31.61 -21.95
CA LYS B 133 10.16 -31.13 -23.30
C LYS B 133 11.42 -31.20 -24.16
N TRP B 134 12.53 -30.70 -23.63
CA TRP B 134 13.75 -30.51 -24.42
C TRP B 134 14.78 -31.61 -24.23
N GLN B 135 14.61 -32.49 -23.24
CA GLN B 135 15.47 -33.67 -23.06
C GLN B 135 16.94 -33.29 -23.05
N THR B 136 17.27 -32.37 -22.14
CA THR B 136 18.58 -31.74 -22.06
C THR B 136 18.94 -31.52 -20.60
N ASP B 137 20.23 -31.50 -20.32
CA ASP B 137 20.73 -31.22 -18.98
C ASP B 137 21.05 -29.75 -18.76
N PHE B 138 20.63 -28.87 -19.67
CA PHE B 138 20.81 -27.44 -19.47
C PHE B 138 20.17 -27.01 -18.16
N VAL B 139 20.93 -26.32 -17.34
CA VAL B 139 20.50 -25.91 -16.00
C VAL B 139 20.08 -24.45 -16.03
N LEU B 140 18.85 -24.19 -15.61
CA LEU B 140 18.42 -22.82 -15.40
C LEU B 140 19.10 -22.30 -14.14
N ARG B 141 19.97 -21.31 -14.31
CA ARG B 141 20.65 -20.64 -13.20
C ARG B 141 19.95 -19.32 -12.92
N HIS B 142 19.80 -19.00 -11.63
CA HIS B 142 19.16 -17.76 -11.23
C HIS B 142 19.71 -17.35 -9.86
N VAL B 143 19.50 -16.07 -9.51
CA VAL B 143 19.87 -15.56 -8.19
C VAL B 143 18.75 -14.66 -7.70
N VAL B 144 18.45 -14.78 -6.41
CA VAL B 144 17.58 -13.82 -5.72
C VAL B 144 18.41 -13.17 -4.62
N GLY B 145 18.46 -11.84 -4.63
CA GLY B 145 19.21 -11.09 -3.62
C GLY B 145 18.27 -10.18 -2.84
N ILE B 146 18.55 -10.03 -1.55
CA ILE B 146 17.65 -9.33 -0.63
C ILE B 146 18.48 -8.46 0.31
N ASP B 147 18.05 -7.21 0.48
CA ASP B 147 18.61 -6.31 1.49
C ASP B 147 17.46 -5.53 2.10
N THR B 148 17.71 -4.87 3.23
CA THR B 148 16.68 -4.08 3.89
C THR B 148 17.32 -2.78 4.38
N SER B 149 16.60 -1.67 4.19
CA SER B 149 17.09 -0.35 4.59
C SER B 149 15.96 0.66 4.46
N GLN B 150 16.22 1.86 4.96
CA GLN B 150 15.40 3.00 4.61
C GLN B 150 15.50 3.26 3.10
N LEU B 151 14.40 3.71 2.52
CA LEU B 151 14.38 4.10 1.12
C LEU B 151 13.56 5.37 0.95
N ARG B 152 13.98 6.22 0.03
CA ARG B 152 13.14 7.30 -0.45
C ARG B 152 12.74 6.99 -1.88
N THR B 153 11.56 7.45 -2.28
CA THR B 153 11.10 7.22 -3.64
C THR B 153 10.46 8.48 -4.21
N ALA B 154 10.64 8.66 -5.51
CA ALA B 154 10.13 9.80 -6.25
C ALA B 154 9.58 9.30 -7.57
N ARG B 155 8.64 10.04 -8.13
CA ARG B 155 7.92 9.62 -9.32
C ARG B 155 8.53 10.22 -10.56
N ILE B 156 8.85 9.36 -11.54
CA ILE B 156 9.53 9.76 -12.75
C ILE B 156 8.76 9.24 -13.95
N GLY B 157 9.11 9.75 -15.13
CA GLY B 157 8.38 9.43 -16.35
C GLY B 157 9.24 8.76 -17.39
N ILE B 158 9.45 7.45 -17.27
CA ILE B 158 10.36 6.72 -18.14
C ILE B 158 9.57 5.88 -19.13
N ARG B 159 9.02 4.76 -18.66
CA ARG B 159 8.08 3.99 -19.48
C ARG B 159 6.76 4.73 -19.63
N GLY B 160 6.30 5.35 -18.55
CA GLY B 160 5.10 6.16 -18.57
C GLY B 160 5.16 7.14 -17.42
N ASP B 161 4.02 7.72 -17.11
CA ASP B 161 3.94 8.74 -16.07
C ASP B 161 3.95 8.18 -14.66
N ASN B 162 4.07 6.86 -14.49
CA ASN B 162 3.85 6.23 -13.19
C ASN B 162 5.06 5.42 -12.69
N ASP B 163 6.27 5.78 -13.13
CA ASP B 163 7.45 5.08 -12.65
C ASP B 163 7.92 5.65 -11.31
N LEU B 164 8.52 4.80 -10.50
CA LEU B 164 9.13 5.21 -9.24
C LEU B 164 10.62 4.87 -9.27
N VAL B 165 11.43 5.80 -8.78
CA VAL B 165 12.84 5.54 -8.56
C VAL B 165 13.05 5.38 -7.06
N TRP B 166 13.90 4.44 -6.67
CA TRP B 166 14.12 4.07 -5.29
C TRP B 166 15.55 4.41 -4.90
N ILE B 167 15.70 5.16 -3.81
CA ILE B 167 16.99 5.71 -3.38
C ILE B 167 17.29 5.17 -2.00
N GLY B 168 18.30 4.32 -1.89
CA GLY B 168 18.72 3.83 -0.60
C GLY B 168 19.49 2.54 -0.75
N ARG B 169 20.14 2.15 0.35
CA ARG B 169 21.10 1.05 0.29
C ARG B 169 20.47 -0.22 -0.27
N ALA B 170 19.27 -0.58 0.20
CA ALA B 170 18.72 -1.87 -0.17
C ALA B 170 18.41 -1.96 -1.66
N ALA B 171 18.04 -0.84 -2.29
CA ALA B 171 17.78 -0.88 -3.71
C ALA B 171 19.05 -1.17 -4.50
N ASN B 172 20.18 -0.68 -4.00
CA ASN B 172 21.46 -0.88 -4.68
C ASN B 172 22.04 -2.25 -4.35
N TYR B 173 22.06 -2.62 -3.07
CA TYR B 173 22.74 -3.85 -2.65
C TYR B 173 22.01 -5.10 -3.10
N ALA B 174 20.68 -5.09 -3.05
CA ALA B 174 19.95 -6.27 -3.51
C ALA B 174 20.23 -6.54 -4.97
N ALA B 175 20.32 -5.48 -5.79
CA ALA B 175 20.68 -5.67 -7.20
C ALA B 175 22.11 -6.19 -7.33
N LYS B 176 23.03 -5.68 -6.53
CA LYS B 176 24.43 -6.11 -6.64
C LYS B 176 24.60 -7.57 -6.23
N LEU B 177 23.84 -8.01 -5.21
CA LEU B 177 23.88 -9.42 -4.81
C LEU B 177 23.50 -10.33 -5.97
N THR B 178 22.52 -9.92 -6.79
CA THR B 178 22.06 -10.76 -7.89
C THR B 178 23.01 -10.75 -9.08
N ASN B 179 24.01 -9.88 -9.09
CA ASN B 179 25.07 -9.95 -10.08
C ASN B 179 26.10 -11.02 -9.76
N LEU B 180 26.08 -11.56 -8.54
CA LEU B 180 27.01 -12.60 -8.15
C LEU B 180 26.47 -13.96 -8.54
N ALA B 181 27.36 -14.89 -8.84
CA ALA B 181 26.99 -16.22 -9.27
C ALA B 181 27.28 -17.23 -8.17
N GLY B 182 26.73 -18.43 -8.32
CA GLY B 182 27.09 -19.56 -7.51
C GLY B 182 26.09 -19.94 -6.43
N LYS B 183 25.16 -19.04 -6.08
CA LYS B 183 24.18 -19.31 -5.04
C LYS B 183 22.81 -18.81 -5.48
N PRO B 184 21.74 -19.57 -5.23
CA PRO B 184 20.41 -19.14 -5.69
C PRO B 184 19.78 -18.06 -4.84
N THR B 185 20.15 -17.95 -3.56
CA THR B 185 19.60 -16.91 -2.69
C THR B 185 20.72 -16.30 -1.86
N ARG B 186 20.77 -14.97 -1.82
CA ARG B 186 21.75 -14.23 -1.03
C ARG B 186 21.02 -13.11 -0.31
N ILE B 187 21.24 -12.99 1.00
CA ILE B 187 20.62 -11.92 1.78
C ILE B 187 21.69 -11.25 2.62
N THR B 188 21.48 -9.97 2.94
CA THR B 188 22.43 -9.31 3.83
C THR B 188 22.18 -9.70 5.27
N ALA B 189 23.16 -9.42 6.12
CA ALA B 189 23.02 -9.73 7.54
C ALA B 189 21.80 -9.05 8.14
N ASP B 190 21.50 -7.82 7.71
CA ASP B 190 20.36 -7.11 8.26
C ASP B 190 19.05 -7.84 7.98
N VAL B 191 18.95 -8.52 6.84
CA VAL B 191 17.79 -9.37 6.57
C VAL B 191 17.81 -10.60 7.46
N TYR B 192 18.95 -11.30 7.48
CA TYR B 192 19.07 -12.52 8.27
C TYR B 192 18.70 -12.27 9.72
N ASN B 193 19.16 -11.16 10.28
CA ASN B 193 18.95 -10.89 11.71
C ASN B 193 17.49 -10.62 12.05
N LYS B 194 16.62 -10.44 11.05
CA LYS B 194 15.20 -10.23 11.27
C LYS B 194 14.34 -11.44 10.94
N LEU B 195 14.92 -12.51 10.40
CA LEU B 195 14.13 -13.66 9.99
C LEU B 195 13.55 -14.39 11.19
N ALA B 196 12.29 -14.80 11.06
CA ALA B 196 11.70 -15.74 12.02
C ALA B 196 12.49 -17.04 12.03
N ASP B 197 12.42 -17.76 13.15
CA ASP B 197 13.20 -18.98 13.30
C ASP B 197 12.87 -20.01 12.23
N LYS B 198 11.60 -20.08 11.80
CA LYS B 198 11.21 -21.03 10.78
C LYS B 198 11.84 -20.75 9.42
N LEU B 199 12.38 -19.55 9.21
CA LEU B 199 13.10 -19.24 7.99
C LEU B 199 14.62 -19.31 8.16
N LYS B 200 15.10 -19.63 9.36
CA LYS B 200 16.53 -19.76 9.64
C LYS B 200 16.96 -21.20 9.84
N TYR B 201 16.13 -22.02 10.47
CA TYR B 201 16.50 -23.37 10.84
C TYR B 201 15.43 -24.35 10.41
N ALA B 202 15.86 -25.56 10.04
CA ALA B 202 14.96 -26.65 9.69
C ALA B 202 15.45 -27.91 10.39
N ASN B 203 14.64 -28.44 11.30
CA ASN B 203 15.02 -29.62 12.10
C ASN B 203 16.31 -29.36 12.88
N GLY B 204 16.50 -28.10 13.29
CA GLY B 204 17.64 -27.72 14.09
C GLY B 204 18.92 -27.45 13.34
N VAL B 205 18.91 -27.52 12.00
CA VAL B 205 20.10 -27.24 11.20
C VAL B 205 19.93 -25.91 10.48
N ASP B 206 21.02 -25.19 10.32
CA ASP B 206 20.98 -23.88 9.67
C ASP B 206 20.69 -24.05 8.19
N TRP B 208 21.17 -21.41 6.27
CA TRP B 208 21.97 -20.32 5.73
C TRP B 208 23.43 -20.50 6.11
N ALA B 209 24.31 -20.05 5.22
CA ALA B 209 25.75 -20.05 5.45
C ALA B 209 26.26 -18.62 5.42
N PRO B 210 27.04 -18.19 6.40
CA PRO B 210 27.57 -16.82 6.38
C PRO B 210 28.69 -16.69 5.37
N GLU B 211 28.67 -15.57 4.66
CA GLU B 211 29.69 -15.26 3.66
C GLU B 211 29.97 -13.77 3.76
N HIS B 212 31.19 -13.41 4.12
CA HIS B 212 31.50 -11.99 4.20
C HIS B 212 31.65 -11.40 2.81
N TRP B 213 30.96 -10.29 2.57
CA TRP B 213 30.98 -9.59 1.29
C TRP B 213 32.11 -8.58 1.39
N ASP B 214 33.34 -9.05 1.10
CA ASP B 214 34.53 -8.24 1.33
C ASP B 214 34.46 -6.89 0.61
N ASP B 215 33.77 -6.83 -0.53
CA ASP B 215 33.66 -5.58 -1.28
C ASP B 215 32.83 -4.55 -0.53
N GLY B 217 31.95 -4.73 2.62
CA GLY B 217 32.30 -4.70 4.02
C GLY B 217 31.17 -5.08 4.96
N ILE B 218 30.28 -5.97 4.52
CA ILE B 218 29.19 -6.44 5.36
C ILE B 218 29.12 -7.96 5.25
N TRP B 219 28.47 -8.57 6.24
CA TRP B 219 28.19 -9.99 6.17
C TRP B 219 26.93 -10.23 5.35
N THR B 220 26.93 -11.34 4.62
CA THR B 220 25.74 -11.83 3.94
C THR B 220 25.53 -13.28 4.34
N TYR B 221 24.39 -13.81 3.95
CA TYR B 221 24.03 -15.19 4.19
C TYR B 221 23.47 -15.76 2.91
N THR B 222 23.89 -16.98 2.56
CA THR B 222 23.46 -17.64 1.35
C THR B 222 22.69 -18.91 1.69
N SER B 223 21.81 -19.33 0.79
CA SER B 223 21.08 -20.57 0.98
C SER B 223 20.89 -21.28 -0.34
N THR B 224 21.04 -22.61 -0.29
CA THR B 224 20.65 -23.48 -1.40
C THR B 224 19.33 -24.17 -1.14
N TRP B 225 18.63 -23.80 -0.06
CA TRP B 225 17.40 -24.47 0.28
C TRP B 225 16.26 -24.02 -0.63
N LYS B 226 15.16 -24.77 -0.56
CA LYS B 226 13.96 -24.43 -1.30
C LYS B 226 12.77 -24.59 -0.36
N TRP B 227 11.65 -23.99 -0.77
CA TRP B 227 10.45 -23.94 0.05
C TRP B 227 9.27 -24.16 -0.88
N THR B 228 8.34 -25.00 -0.45
CA THR B 228 7.21 -25.37 -1.30
C THR B 228 6.42 -24.13 -1.73
N VAL B 229 6.18 -24.03 -3.03
CA VAL B 229 5.42 -22.92 -3.59
C VAL B 229 3.96 -23.03 -3.16
N SER C 1 -4.73 -18.08 -2.81
CA SER C 1 -3.48 -17.37 -2.59
C SER C 1 -2.88 -17.75 -1.25
N ALA C 2 -1.63 -17.32 -1.02
CA ALA C 2 -1.01 -17.51 0.27
C ALA C 2 -1.78 -16.77 1.36
N LEU C 3 -2.28 -15.56 1.05
CA LEU C 3 -3.09 -14.84 2.02
C LEU C 3 -4.31 -15.66 2.43
N ALA C 4 -5.00 -16.25 1.44
CA ALA C 4 -6.15 -17.09 1.76
C ALA C 4 -5.75 -18.31 2.58
N ASP C 5 -4.67 -18.99 2.19
CA ASP C 5 -4.21 -20.15 2.95
C ASP C 5 -3.79 -19.76 4.36
N ASP C 6 -3.11 -18.61 4.50
CA ASP C 6 -2.68 -18.18 5.82
C ASP C 6 -3.85 -17.78 6.69
N LEU C 7 -4.84 -17.08 6.11
CA LEU C 7 -6.04 -16.77 6.86
C LEU C 7 -6.79 -18.05 7.25
N LYS C 8 -6.88 -19.02 6.33
CA LYS C 8 -7.55 -20.27 6.67
C LYS C 8 -6.87 -20.95 7.85
N LYS C 9 -5.54 -20.99 7.85
CA LYS C 9 -4.82 -21.63 8.95
C LYS C 9 -5.05 -20.89 10.26
N TRP C 10 -4.92 -19.55 10.23
CA TRP C 10 -5.04 -18.78 11.46
C TRP C 10 -6.49 -18.74 11.96
N VAL C 11 -7.45 -18.62 11.03
CA VAL C 11 -8.86 -18.69 11.42
C VAL C 11 -9.15 -20.03 12.08
N GLY C 12 -8.64 -21.12 11.51
CA GLY C 12 -8.86 -22.43 12.10
C GLY C 12 -8.24 -22.53 13.49
N GLU C 13 -7.03 -22.01 13.65
CA GLU C 13 -6.39 -22.02 14.96
C GLU C 13 -7.17 -21.18 15.96
N THR C 14 -7.76 -20.08 15.50
CA THR C 14 -8.52 -19.22 16.40
C THR C 14 -9.79 -19.91 16.88
N PHE C 15 -10.44 -20.67 16.00
CA PHE C 15 -11.63 -21.41 16.41
C PHE C 15 -11.31 -22.63 17.25
N THR C 16 -10.17 -23.28 17.01
CA THR C 16 -9.87 -24.53 17.70
C THR C 16 -9.02 -24.35 18.94
N GLY C 17 -8.23 -23.28 19.01
CA GLY C 17 -7.26 -23.15 20.08
C GLY C 17 -7.88 -22.82 21.42
N LYS C 18 -7.27 -23.34 22.48
CA LYS C 18 -7.71 -23.04 23.83
C LYS C 18 -7.46 -21.58 24.16
N TRP C 19 -8.37 -20.98 24.91
CA TRP C 19 -8.24 -19.60 25.34
C TRP C 19 -7.46 -19.52 26.65
N GLU C 20 -6.53 -18.58 26.70
CA GLU C 20 -5.84 -18.20 27.94
C GLU C 20 -6.44 -16.89 28.41
N VAL C 21 -6.92 -16.86 29.65
CA VAL C 21 -7.62 -15.70 30.19
C VAL C 21 -7.08 -15.38 31.57
N GLN C 22 -6.80 -14.10 31.82
CA GLN C 22 -6.50 -13.61 33.16
C GLN C 22 -7.53 -12.55 33.54
N GLU C 23 -7.92 -12.55 34.82
CA GLU C 23 -8.84 -11.57 35.34
C GLU C 23 -8.07 -10.33 35.78
N THR C 24 -8.68 -9.17 35.55
CA THR C 24 -8.03 -7.91 35.87
C THR C 24 -9.10 -6.87 36.12
N THR C 25 -8.71 -5.79 36.79
CA THR C 25 -9.61 -4.69 37.14
C THR C 25 -9.48 -3.52 36.18
N SER C 26 -8.27 -3.17 35.78
CA SER C 26 -8.02 -2.00 34.94
C SER C 26 -7.98 -2.39 33.47
N VAL C 27 -8.21 -1.40 32.62
CA VAL C 27 -8.03 -1.60 31.18
C VAL C 27 -6.58 -2.00 30.93
N PRO C 28 -6.32 -3.09 30.21
CA PRO C 28 -4.94 -3.51 30.00
C PRO C 28 -4.22 -2.59 29.04
N ASN C 29 -2.90 -2.51 29.20
CA ASN C 29 -2.07 -2.02 28.13
C ASN C 29 -1.99 -3.08 27.04
N PRO C 30 -2.07 -2.70 25.77
CA PRO C 30 -2.03 -3.71 24.69
C PRO C 30 -0.87 -4.67 24.79
N GLU C 31 0.30 -4.21 25.26
CA GLU C 31 1.45 -5.09 25.41
C GLU C 31 1.21 -6.21 26.42
N ASP C 32 0.18 -6.08 27.26
CA ASP C 32 -0.16 -7.14 28.22
C ASP C 32 -0.79 -8.37 27.55
N LEU C 33 -1.14 -8.28 26.27
CA LEU C 33 -1.83 -9.35 25.57
C LEU C 33 -1.04 -9.78 24.34
N ARG C 34 -1.16 -11.06 24.00
CA ARG C 34 -0.58 -11.56 22.76
C ARG C 34 -1.43 -11.13 21.57
N LEU C 35 -0.77 -10.60 20.54
CA LEU C 35 -1.47 -10.11 19.36
C LEU C 35 -2.01 -11.28 18.53
N ASN C 36 -3.26 -11.15 18.09
CA ASN C 36 -3.89 -12.13 17.19
C ASN C 36 -3.78 -13.55 17.75
N SER C 37 -4.17 -13.70 19.01
N SER C 37 -4.20 -13.71 19.00
CA SER C 37 -4.09 -14.98 19.69
CA SER C 37 -4.06 -14.96 19.72
C SER C 37 -5.33 -15.13 20.57
C SER C 37 -5.25 -15.12 20.65
N ASN C 38 -5.55 -16.37 21.02
CA ASN C 38 -6.67 -16.65 21.91
C ASN C 38 -6.25 -16.35 23.35
N HIS C 39 -6.05 -15.06 23.61
CA HIS C 39 -5.56 -14.57 24.88
C HIS C 39 -6.41 -13.35 25.23
N ALA C 40 -7.04 -13.38 26.39
CA ALA C 40 -7.95 -12.30 26.77
C ALA C 40 -7.72 -11.91 28.22
N LYS C 41 -8.09 -10.66 28.52
CA LYS C 41 -8.29 -10.22 29.90
C LYS C 41 -9.77 -10.17 30.19
N ASP C 42 -10.14 -10.54 31.42
CA ASP C 42 -11.53 -10.62 31.87
C ASP C 42 -11.72 -9.57 32.96
N LEU C 43 -12.52 -8.56 32.66
CA LEU C 43 -12.88 -7.52 33.63
C LEU C 43 -14.29 -7.84 34.13
N LYS C 44 -14.39 -8.21 35.41
CA LYS C 44 -15.68 -8.62 35.96
C LYS C 44 -16.71 -7.50 35.92
N ALA C 45 -16.26 -6.25 36.08
CA ALA C 45 -17.16 -5.10 35.98
C ALA C 45 -16.41 -3.94 35.35
N ALA C 46 -16.95 -3.42 34.27
CA ALA C 46 -16.36 -2.28 33.60
C ALA C 46 -17.49 -1.46 33.02
N THR C 47 -17.31 -0.14 33.01
CA THR C 47 -18.35 0.77 32.57
C THR C 47 -17.94 1.38 31.23
N VAL C 48 -18.77 1.19 30.22
CA VAL C 48 -18.49 1.65 28.86
C VAL C 48 -19.31 2.89 28.59
N LEU C 49 -18.65 3.92 28.09
CA LEU C 49 -19.29 5.16 27.68
C LEU C 49 -18.99 5.38 26.21
N TYR C 50 -20.02 5.70 25.42
CA TYR C 50 -19.82 6.22 24.07
C TYR C 50 -20.40 7.62 23.99
N ALA C 51 -19.67 8.50 23.31
CA ALA C 51 -20.14 9.85 23.04
C ALA C 51 -20.17 10.01 21.53
N ASP C 52 -21.35 10.36 21.00
CA ASP C 52 -21.62 10.33 19.58
C ASP C 52 -22.17 11.67 19.16
N LEU C 53 -21.64 12.22 18.07
CA LEU C 53 -22.22 13.39 17.44
C LEU C 53 -23.38 12.97 16.57
N ASP C 54 -24.53 13.59 16.77
CA ASP C 54 -25.73 13.28 16.00
C ASP C 54 -25.87 14.25 14.82
N GLY C 55 -26.74 13.89 13.88
CA GLY C 55 -27.04 14.74 12.76
C GLY C 55 -25.90 14.96 11.79
N SER C 56 -24.99 13.98 11.68
CA SER C 56 -23.80 14.17 10.85
C SER C 56 -24.15 14.23 9.37
N THR C 57 -25.10 13.42 8.91
CA THR C 57 -25.46 13.44 7.50
C THR C 57 -26.03 14.78 7.09
N ASP C 58 -26.99 15.30 7.87
CA ASP C 58 -27.50 16.65 7.65
C ASP C 58 -26.36 17.63 7.54
N VAL C 60 -22.92 17.31 7.29
CA VAL C 60 -21.92 17.12 6.24
C VAL C 60 -22.51 17.41 4.86
N ASN C 61 -23.79 17.05 4.65
CA ASN C 61 -24.41 17.23 3.33
C ASN C 61 -24.74 18.68 3.01
N THR C 62 -25.12 19.48 4.01
CA THR C 62 -25.59 20.82 3.73
C THR C 62 -24.65 21.94 4.14
N LYS C 63 -23.70 21.68 5.04
CA LYS C 63 -22.86 22.74 5.58
C LYS C 63 -21.53 22.80 4.84
N LYS C 64 -20.95 24.00 4.82
CA LYS C 64 -19.58 24.17 4.36
C LYS C 64 -18.66 23.25 5.15
N TRP C 65 -17.69 22.65 4.47
CA TRP C 65 -16.81 21.71 5.13
C TRP C 65 -16.09 22.35 6.31
N GLN C 66 -15.78 23.65 6.23
CA GLN C 66 -15.09 24.30 7.34
C GLN C 66 -15.94 24.29 8.60
N PHE C 67 -17.25 24.46 8.45
CA PHE C 67 -18.15 24.43 9.59
C PHE C 67 -18.25 23.02 10.16
N SER C 68 -18.50 22.04 9.30
CA SER C 68 -18.58 20.66 9.78
C SER C 68 -17.29 20.25 10.48
N ALA C 69 -16.14 20.62 9.92
CA ALA C 69 -14.87 20.22 10.53
C ALA C 69 -14.71 20.83 11.91
N GLN C 70 -15.14 22.08 12.08
CA GLN C 70 -15.05 22.71 13.39
C GLN C 70 -16.00 22.07 14.40
N ILE C 71 -17.19 21.66 13.96
CA ILE C 71 -18.11 20.97 14.85
C ILE C 71 -17.52 19.63 15.32
N TYR C 72 -17.04 18.84 14.36
CA TYR C 72 -16.40 17.57 14.74
C TYR C 72 -15.24 17.82 15.69
N LYS C 73 -14.36 18.77 15.36
CA LYS C 73 -13.17 18.98 16.16
C LYS C 73 -13.51 19.42 17.58
N THR C 74 -14.44 20.35 17.72
CA THR C 74 -14.74 20.87 19.06
C THR C 74 -15.50 19.84 19.89
N PHE C 75 -16.44 19.12 19.28
CA PHE C 75 -17.13 18.09 20.04
C PHE C 75 -16.18 17.00 20.50
N LEU C 76 -15.36 16.51 19.59
CA LEU C 76 -14.49 15.39 19.91
C LEU C 76 -13.41 15.78 20.91
N LYS C 77 -12.90 17.01 20.84
CA LYS C 77 -11.91 17.44 21.81
C LYS C 77 -12.53 17.67 23.19
N CYS C 78 -13.69 18.34 23.24
CA CYS C 78 -14.37 18.52 24.52
C CYS C 78 -14.70 17.17 25.15
N ALA C 79 -15.28 16.26 24.37
CA ALA C 79 -15.67 14.96 24.91
C ALA C 79 -14.46 14.19 25.40
N SER C 80 -13.41 14.13 24.58
N SER C 80 -13.41 14.12 24.58
CA SER C 80 -12.24 13.33 24.97
CA SER C 80 -12.24 13.33 24.97
C SER C 80 -11.49 13.94 26.14
C SER C 80 -11.52 13.95 26.16
N ASP C 81 -11.41 15.27 26.20
CA ASP C 81 -10.75 15.93 27.32
C ASP C 81 -11.51 15.69 28.62
N ILE C 82 -12.84 15.71 28.57
CA ILE C 82 -13.65 15.48 29.77
C ILE C 82 -13.58 14.02 30.19
N ILE C 83 -13.62 13.09 29.22
CA ILE C 83 -13.43 11.67 29.53
C ILE C 83 -12.11 11.46 30.25
N ARG C 84 -11.03 12.02 29.69
CA ARG C 84 -9.73 11.87 30.33
C ARG C 84 -9.72 12.50 31.71
N ASP C 85 -10.35 13.67 31.85
CA ASP C 85 -10.36 14.37 33.14
C ASP C 85 -11.04 13.52 34.21
N GLU C 86 -12.06 12.76 33.83
CA GLU C 86 -12.81 11.90 34.73
C GLU C 86 -12.18 10.53 34.88
N GLY C 87 -10.99 10.31 34.34
CA GLY C 87 -10.30 9.06 34.52
C GLY C 87 -10.71 7.95 33.57
N GLY C 88 -11.50 8.24 32.54
CA GLY C 88 -11.82 7.23 31.57
C GLY C 88 -10.67 6.94 30.63
N ASN C 89 -10.62 5.70 30.15
CA ASN C 89 -9.61 5.28 29.18
C ASN C 89 -10.27 5.24 27.80
N ILE C 90 -9.79 6.08 26.90
CA ILE C 90 -10.36 6.13 25.55
C ILE C 90 -9.86 4.93 24.76
N THR C 91 -10.80 4.09 24.32
CA THR C 91 -10.48 2.80 23.72
C THR C 91 -10.76 2.73 22.22
N ALA C 92 -11.57 3.64 21.67
CA ALA C 92 -11.84 3.60 20.24
C ALA C 92 -12.25 4.99 19.77
N TYR C 93 -12.00 5.26 18.49
CA TYR C 93 -12.49 6.45 17.84
C TYR C 93 -12.84 6.11 16.40
N ASP C 94 -14.01 6.54 15.95
CA ASP C 94 -14.41 6.37 14.56
C ASP C 94 -15.42 7.46 14.21
N GLY C 95 -15.00 8.38 13.35
CA GLY C 95 -15.89 9.40 12.81
C GLY C 95 -16.47 10.34 13.85
N ASP C 96 -17.73 10.12 14.19
CA ASP C 96 -18.41 10.97 15.14
C ASP C 96 -18.54 10.34 16.52
N ARG C 97 -17.83 9.24 16.79
CA ARG C 97 -18.04 8.46 18.00
C ARG C 97 -16.74 8.18 18.73
N VAL C 98 -16.74 8.40 20.05
N VAL C 98 -16.74 8.40 20.05
CA VAL C 98 -15.63 8.06 20.93
CA VAL C 98 -15.62 8.04 20.90
C VAL C 98 -16.12 7.02 21.92
C VAL C 98 -16.10 7.02 21.93
N ALA C 100 -15.07 4.97 25.58
CA ALA C 100 -14.18 4.94 26.74
C ALA C 100 -14.64 3.87 27.70
N VAL C 101 -13.68 3.38 28.50
CA VAL C 101 -13.96 2.39 29.55
C VAL C 101 -13.51 2.97 30.87
N PHE C 102 -14.40 2.93 31.86
CA PHE C 102 -14.12 3.37 33.22
C PHE C 102 -14.06 2.15 34.13
N THR C 103 -13.08 2.15 35.04
CA THR C 103 -12.94 1.08 36.02
C THR C 103 -12.66 1.71 37.38
N GLY C 104 -12.72 0.89 38.42
CA GLY C 104 -12.48 1.36 39.77
C GLY C 104 -13.77 1.55 40.53
N ASN C 105 -13.62 1.98 41.80
CA ASN C 105 -14.74 1.95 42.72
C ASN C 105 -15.74 3.09 42.53
N SER C 106 -15.45 4.06 41.66
CA SER C 106 -16.42 5.12 41.35
C SER C 106 -16.70 5.17 39.85
N LYS C 107 -16.55 4.04 39.16
CA LYS C 107 -16.62 4.04 37.70
C LYS C 107 -17.97 4.51 37.18
N ASN C 108 -19.07 4.13 37.84
CA ASN C 108 -20.39 4.51 37.35
C ASN C 108 -20.68 5.98 37.62
N THR C 109 -20.38 6.45 38.83
CA THR C 109 -20.58 7.86 39.13
C THR C 109 -19.69 8.75 38.26
N SER C 110 -18.44 8.32 38.04
CA SER C 110 -17.52 9.08 37.19
C SER C 110 -18.01 9.12 35.75
N ALA C 111 -18.44 7.98 35.21
CA ALA C 111 -18.91 7.95 33.83
C ALA C 111 -20.14 8.82 33.66
N ALA C 112 -21.08 8.75 34.61
CA ALA C 112 -22.30 9.56 34.51
C ALA C 112 -21.99 11.04 34.63
N ARG C 113 -21.14 11.41 35.59
CA ARG C 113 -20.74 12.82 35.69
C ARG C 113 -20.03 13.28 34.42
N CYS C 114 -19.19 12.40 33.85
CA CYS C 114 -18.57 12.69 32.55
C CYS C 114 -19.62 13.00 31.50
N ALA C 115 -20.65 12.16 31.41
CA ALA C 115 -21.70 12.39 30.42
C ALA C 115 -22.39 13.73 30.63
N LEU C 116 -22.73 14.04 31.88
CA LEU C 116 -23.43 15.30 32.13
C LEU C 116 -22.52 16.50 31.89
N LYS C 117 -21.21 16.34 32.12
CA LYS C 117 -20.25 17.38 31.79
C LYS C 117 -20.13 17.57 30.28
N ILE C 118 -20.18 16.47 29.52
CA ILE C 118 -20.16 16.60 28.06
C ILE C 118 -21.36 17.39 27.58
N ASN C 119 -22.53 17.16 28.19
CA ASN C 119 -23.70 17.95 27.82
C ASN C 119 -23.48 19.44 28.12
N SER C 120 -22.84 19.75 29.25
CA SER C 120 -22.52 21.14 29.53
C SER C 120 -21.53 21.71 28.52
N ALA C 121 -20.52 20.94 28.15
CA ALA C 121 -19.59 21.42 27.13
C ALA C 121 -20.32 21.75 25.85
N VAL C 122 -21.25 20.90 25.44
CA VAL C 122 -22.01 21.17 24.21
C VAL C 122 -22.87 22.41 24.37
N LEU C 123 -23.65 22.47 25.45
CA LEU C 123 -24.64 23.54 25.56
C LEU C 123 -24.05 24.86 26.04
N ASP C 124 -22.99 24.82 26.86
CA ASP C 124 -22.45 26.01 27.49
C ASP C 124 -21.15 26.50 26.87
N ILE C 125 -20.46 25.66 26.10
CA ILE C 125 -19.19 26.07 25.50
C ILE C 125 -19.30 26.09 23.98
N ILE C 126 -19.63 24.95 23.38
CA ILE C 126 -19.62 24.86 21.93
C ILE C 126 -20.77 25.65 21.33
N GLN C 127 -21.99 25.37 21.79
CA GLN C 127 -23.18 26.02 21.20
C GLN C 127 -23.10 27.54 21.21
N PRO C 128 -22.72 28.21 22.30
CA PRO C 128 -22.60 29.67 22.24
C PRO C 128 -21.54 30.14 21.27
N ALA C 129 -20.43 29.41 21.12
CA ALA C 129 -19.42 29.77 20.14
C ALA C 129 -19.94 29.60 18.72
N ILE C 130 -20.76 28.56 18.48
CA ILE C 130 -21.38 28.38 17.17
C ILE C 130 -22.22 29.59 16.81
N ALA C 131 -23.15 29.97 17.69
CA ALA C 131 -24.05 31.08 17.42
C ALA C 131 -23.28 32.38 17.24
N LYS C 132 -22.26 32.59 18.07
CA LYS C 132 -21.54 33.86 18.03
C LYS C 132 -20.64 33.96 16.79
N LYS C 133 -19.97 32.87 16.43
CA LYS C 133 -18.92 32.94 15.40
C LYS C 133 -19.42 32.66 13.99
N TRP C 134 -20.47 31.84 13.83
CA TRP C 134 -21.04 31.58 12.51
C TRP C 134 -22.42 32.19 12.33
N GLN C 135 -22.97 32.84 13.35
CA GLN C 135 -24.25 33.56 13.24
C GLN C 135 -25.38 32.66 12.76
N THR C 136 -25.48 31.48 13.36
CA THR C 136 -26.39 30.45 12.88
C THR C 136 -27.28 29.95 14.01
N ASP C 137 -28.42 29.40 13.63
CA ASP C 137 -29.33 28.74 14.56
C ASP C 137 -29.10 27.23 14.64
N PHE C 138 -28.08 26.72 13.96
CA PHE C 138 -27.72 25.31 14.05
C PHE C 138 -27.59 24.88 15.51
N VAL C 139 -28.16 23.72 15.82
CA VAL C 139 -28.12 23.15 17.16
C VAL C 139 -27.31 21.87 17.11
N LEU C 140 -26.25 21.80 17.90
CA LEU C 140 -25.42 20.61 17.98
C LEU C 140 -26.14 19.56 18.82
N ARG C 141 -26.43 18.43 18.21
CA ARG C 141 -27.08 17.31 18.88
C ARG C 141 -26.05 16.21 19.09
N HIS C 142 -26.13 15.56 20.24
CA HIS C 142 -25.20 14.49 20.57
C HIS C 142 -25.87 13.57 21.59
N VAL C 143 -25.32 12.37 21.73
CA VAL C 143 -25.79 11.43 22.75
C VAL C 143 -24.58 10.77 23.41
N VAL C 144 -24.66 10.62 24.73
CA VAL C 144 -23.72 9.81 25.50
C VAL C 144 -24.50 8.64 26.09
N GLY C 145 -24.07 7.42 25.79
CA GLY C 145 -24.71 6.22 26.31
C GLY C 145 -23.75 5.45 27.20
N ILE C 146 -24.27 4.86 28.28
CA ILE C 146 -23.46 4.19 29.29
C ILE C 146 -24.12 2.90 29.73
N ASP C 147 -23.30 1.85 29.85
CA ASP C 147 -23.72 0.59 30.46
C ASP C 147 -22.53 0.05 31.25
N THR C 148 -22.79 -0.91 32.12
CA THR C 148 -21.74 -1.54 32.91
C THR C 148 -21.98 -3.04 32.95
N SER C 149 -20.90 -3.82 32.76
CA SER C 149 -21.04 -5.27 32.69
C SER C 149 -19.65 -5.88 32.75
N GLN C 150 -19.62 -7.21 32.78
CA GLN C 150 -18.38 -7.93 32.51
C GLN C 150 -17.97 -7.71 31.07
N LEU C 151 -16.66 -7.57 30.85
CA LEU C 151 -16.11 -7.44 29.52
C LEU C 151 -14.86 -8.29 29.42
N ARG C 152 -14.64 -8.88 28.24
CA ARG C 152 -13.36 -9.48 27.92
C ARG C 152 -12.75 -8.70 26.77
N THR C 153 -11.41 -8.65 26.74
CA THR C 153 -10.73 -7.89 25.71
C THR C 153 -9.54 -8.68 25.18
N ALA C 154 -9.30 -8.55 23.88
CA ALA C 154 -8.19 -9.21 23.20
C ALA C 154 -7.51 -8.20 22.28
N ARG C 155 -6.25 -8.48 21.96
CA ARG C 155 -5.41 -7.57 21.19
C ARG C 155 -5.42 -7.94 19.72
N ILE C 156 -5.75 -6.96 18.87
CA ILE C 156 -5.87 -7.17 17.43
C ILE C 156 -5.09 -6.10 16.70
N GLY C 157 -4.98 -6.25 15.38
CA GLY C 157 -4.14 -5.39 14.57
C GLY C 157 -4.87 -4.77 13.41
N ILE C 158 -5.58 -3.67 13.67
CA ILE C 158 -6.43 -3.04 12.67
C ILE C 158 -5.78 -1.76 12.16
N ARG C 159 -5.70 -0.74 13.03
CA ARG C 159 -4.94 0.45 12.69
C ARG C 159 -3.44 0.25 12.93
N GLY C 160 -3.10 -0.49 13.97
CA GLY C 160 -1.75 -0.89 14.24
C GLY C 160 -1.78 -2.14 15.08
N ASP C 161 -0.63 -2.47 15.66
CA ASP C 161 -0.51 -3.71 16.41
C ASP C 161 -1.08 -3.63 17.82
N ASN C 162 -1.67 -2.50 18.22
CA ASN C 162 -2.04 -2.28 19.61
C ASN C 162 -3.53 -2.04 19.82
N ASP C 163 -4.38 -2.51 18.91
CA ASP C 163 -5.82 -2.32 19.08
C ASP C 163 -6.38 -3.34 20.05
N LEU C 164 -7.47 -2.96 20.72
CA LEU C 164 -8.20 -3.86 21.60
C LEU C 164 -9.64 -3.99 21.12
N VAL C 165 -10.15 -5.21 21.14
CA VAL C 165 -11.56 -5.49 20.88
C VAL C 165 -12.20 -5.85 22.21
N TRP C 166 -13.45 -5.41 22.39
CA TRP C 166 -14.16 -5.56 23.65
C TRP C 166 -15.39 -6.42 23.43
N ILE C 167 -15.52 -7.48 24.23
CA ILE C 167 -16.58 -8.47 24.09
C ILE C 167 -17.39 -8.47 25.38
N GLY C 168 -18.64 -8.02 25.31
CA GLY C 168 -19.48 -8.03 26.48
C GLY C 168 -20.64 -7.07 26.34
N ARG C 169 -21.61 -7.23 27.24
CA ARG C 169 -22.89 -6.53 27.09
C ARG C 169 -22.69 -5.02 27.01
N ALA C 170 -21.89 -4.45 27.92
CA ALA C 170 -21.82 -3.00 28.00
C ALA C 170 -21.24 -2.39 26.73
N ALA C 171 -20.33 -3.09 26.06
CA ALA C 171 -19.77 -2.56 24.82
C ALA C 171 -20.84 -2.44 23.75
N ASN C 172 -21.77 -3.39 23.70
CA ASN C 172 -22.84 -3.32 22.72
C ASN C 172 -23.97 -2.41 23.17
N TYR C 173 -24.39 -2.51 24.44
CA TYR C 173 -25.56 -1.74 24.88
C TYR C 173 -25.26 -0.24 24.91
N ALA C 174 -24.08 0.14 25.39
CA ALA C 174 -23.77 1.57 25.42
C ALA C 174 -23.79 2.16 24.00
N ALA C 175 -23.32 1.39 23.02
CA ALA C 175 -23.35 1.87 21.65
C ALA C 175 -24.77 1.97 21.14
N LYS C 176 -25.61 0.98 21.45
CA LYS C 176 -27.00 1.03 21.01
C LYS C 176 -27.73 2.22 21.61
N LEU C 177 -27.44 2.53 22.88
CA LEU C 177 -28.09 3.69 23.50
C LEU C 177 -27.76 4.99 22.78
N THR C 178 -26.50 5.14 22.31
CA THR C 178 -26.14 6.37 21.61
C THR C 178 -26.78 6.46 20.23
N ASN C 179 -27.27 5.35 19.69
CA ASN C 179 -27.98 5.40 18.42
C ASN C 179 -29.40 5.93 18.56
N LEU C 180 -29.90 6.09 19.78
CA LEU C 180 -31.24 6.59 20.01
C LEU C 180 -31.24 8.11 20.07
N ALA C 181 -32.33 8.71 19.62
CA ALA C 181 -32.43 10.16 19.56
C ALA C 181 -33.24 10.71 20.72
N GLY C 182 -33.07 12.02 20.96
CA GLY C 182 -33.95 12.78 21.82
C GLY C 182 -33.41 13.11 23.19
N LYS C 183 -32.37 12.40 23.64
CA LYS C 183 -31.83 12.63 24.99
C LYS C 183 -30.32 12.67 24.93
N PRO C 184 -29.67 13.67 25.57
CA PRO C 184 -28.21 13.76 25.49
C PRO C 184 -27.48 12.73 26.33
N THR C 185 -28.11 12.15 27.35
CA THR C 185 -27.48 11.10 28.14
C THR C 185 -28.49 10.00 28.40
N ARG C 186 -28.07 8.76 28.19
CA ARG C 186 -28.88 7.56 28.47
C ARG C 186 -27.98 6.55 29.13
N ILE C 187 -28.46 5.97 30.24
CA ILE C 187 -27.71 4.97 30.99
C ILE C 187 -28.63 3.80 31.32
N THR C 188 -28.04 2.62 31.47
CA THR C 188 -28.82 1.49 31.93
C THR C 188 -29.06 1.58 33.43
N ALA C 189 -30.06 0.81 33.89
CA ALA C 189 -30.33 0.74 35.31
C ALA C 189 -29.12 0.28 36.11
N ASP C 190 -28.30 -0.61 35.55
CA ASP C 190 -27.12 -1.07 36.26
C ASP C 190 -26.15 0.08 36.55
N VAL C 191 -26.10 1.09 35.69
CA VAL C 191 -25.31 2.28 35.98
C VAL C 191 -26.03 3.14 37.02
N TYR C 192 -27.31 3.44 36.77
CA TYR C 192 -28.08 4.30 37.66
C TYR C 192 -28.07 3.78 39.09
N ASN C 193 -28.21 2.47 39.26
CA ASN C 193 -28.32 1.88 40.60
C ASN C 193 -27.00 1.94 41.37
N LYS C 194 -25.91 2.31 40.73
CA LYS C 194 -24.62 2.48 41.41
C LYS C 194 -24.27 3.94 41.62
N LEU C 195 -25.08 4.86 41.11
CA LEU C 195 -24.74 6.28 41.21
C LEU C 195 -24.83 6.76 42.65
N ALA C 196 -23.87 7.59 43.04
CA ALA C 196 -23.99 8.34 44.28
C ALA C 196 -25.19 9.28 44.19
N ASP C 197 -25.74 9.63 45.36
CA ASP C 197 -26.94 10.47 45.40
C ASP C 197 -26.71 11.82 44.72
N LYS C 198 -25.48 12.36 44.81
CA LYS C 198 -25.20 13.64 44.18
C LYS C 198 -25.26 13.59 42.67
N LEU C 199 -25.26 12.40 42.08
CA LEU C 199 -25.43 12.26 40.64
C LEU C 199 -26.86 11.94 40.25
N LYS C 200 -27.78 11.83 41.21
CA LYS C 200 -29.18 11.51 40.94
C LYS C 200 -30.15 12.62 41.29
N TYR C 201 -29.90 13.39 42.33
CA TYR C 201 -30.82 14.42 42.79
C TYR C 201 -30.08 15.72 42.98
N ALA C 202 -30.75 16.83 42.67
CA ALA C 202 -30.21 18.17 42.89
C ALA C 202 -31.36 19.08 43.31
N ASN C 203 -31.19 19.78 44.44
CA ASN C 203 -32.18 20.71 44.96
C ASN C 203 -33.56 20.05 45.10
N GLY C 204 -33.54 18.77 45.49
CA GLY C 204 -34.76 18.00 45.64
C GLY C 204 -35.40 17.53 44.35
N VAL C 205 -34.73 17.71 43.21
CA VAL C 205 -35.30 17.41 41.91
C VAL C 205 -34.54 16.23 41.29
N ASP C 206 -35.28 15.33 40.64
CA ASP C 206 -34.65 14.21 39.96
C ASP C 206 -33.85 14.71 38.76
N TRP C 208 -32.74 12.42 36.57
CA TRP C 208 -32.94 11.35 35.60
C TRP C 208 -34.41 11.01 35.49
N ALA C 209 -34.81 10.51 34.31
CA ALA C 209 -36.14 10.00 34.09
C ALA C 209 -36.07 8.54 33.65
N PRO C 210 -36.91 7.67 34.20
CA PRO C 210 -36.87 6.26 33.83
C PRO C 210 -37.55 6.01 32.49
N GLU C 211 -36.99 5.08 31.73
CA GLU C 211 -37.56 4.68 30.44
C GLU C 211 -37.23 3.21 30.24
N HIS C 212 -38.26 2.37 30.13
CA HIS C 212 -38.01 0.95 30.04
C HIS C 212 -37.54 0.60 28.63
N TRP C 213 -36.43 -0.14 28.56
CA TRP C 213 -35.86 -0.57 27.27
C TRP C 213 -36.50 -1.91 26.92
N ASP C 214 -37.66 -1.84 26.27
CA ASP C 214 -38.45 -3.06 26.01
C ASP C 214 -37.64 -4.10 25.25
N ASP C 215 -36.85 -3.68 24.26
CA ASP C 215 -36.08 -4.63 23.46
C ASP C 215 -35.11 -5.45 24.31
N GLY C 217 -35.25 -5.75 27.80
CA GLY C 217 -35.81 -6.23 29.05
C GLY C 217 -35.17 -5.65 30.29
N ILE C 218 -34.63 -4.43 30.22
CA ILE C 218 -34.07 -3.74 31.37
C ILE C 218 -34.53 -2.29 31.36
N TRP C 219 -34.49 -1.67 32.52
CA TRP C 219 -34.75 -0.24 32.63
C TRP C 219 -33.53 0.56 32.21
N THR C 220 -33.78 1.75 31.66
CA THR C 220 -32.76 2.75 31.44
C THR C 220 -33.24 4.06 32.06
N TYR C 221 -32.34 5.02 32.12
CA TYR C 221 -32.60 6.34 32.66
C TYR C 221 -31.99 7.37 31.73
N THR C 222 -32.70 8.46 31.50
CA THR C 222 -32.25 9.49 30.58
C THR C 222 -32.12 10.80 31.35
N SER C 223 -31.30 11.70 30.81
CA SER C 223 -31.11 12.99 31.48
C SER C 223 -30.80 14.06 30.46
N THR C 224 -31.36 15.25 30.69
CA THR C 224 -30.96 16.46 29.99
C THR C 224 -30.11 17.36 30.88
N TRP C 225 -29.71 16.86 32.05
CA TRP C 225 -28.94 17.67 32.99
C TRP C 225 -27.59 18.03 32.39
N LYS C 226 -27.09 19.21 32.78
CA LYS C 226 -25.76 19.63 32.40
C LYS C 226 -24.98 19.97 33.67
N TRP C 227 -23.82 19.33 33.81
CA TRP C 227 -22.95 19.46 34.97
C TRP C 227 -21.79 20.37 34.57
N THR C 228 -21.67 21.51 35.25
CA THR C 228 -20.69 22.50 34.85
C THR C 228 -19.28 21.90 34.81
N VAL C 229 -18.58 22.14 33.72
CA VAL C 229 -17.23 21.64 33.53
C VAL C 229 -16.24 22.45 34.37
N SER D 1 -14.45 26.27 35.68
CA SER D 1 -13.21 25.65 36.12
C SER D 1 -12.08 25.97 35.14
N ALA D 2 -10.91 25.39 35.38
CA ALA D 2 -9.77 25.62 34.51
C ALA D 2 -9.91 24.86 33.20
N LEU D 3 -10.26 23.57 33.26
CA LEU D 3 -10.55 22.81 32.04
C LEU D 3 -11.59 23.51 31.20
N ALA D 4 -12.64 24.05 31.83
CA ALA D 4 -13.64 24.80 31.10
C ALA D 4 -13.04 26.03 30.45
N ASP D 5 -12.12 26.70 31.14
CA ASP D 5 -11.49 27.89 30.57
C ASP D 5 -10.60 27.53 29.39
N ASP D 6 -9.83 26.44 29.51
CA ASP D 6 -9.02 25.98 28.39
C ASP D 6 -9.90 25.60 27.20
N LEU D 7 -10.97 24.87 27.45
CA LEU D 7 -11.88 24.50 26.37
C LEU D 7 -12.55 25.73 25.77
N LYS D 8 -13.01 26.67 26.59
CA LYS D 8 -13.63 27.88 26.05
C LYS D 8 -12.68 28.63 25.13
N LYS D 9 -11.42 28.78 25.55
CA LYS D 9 -10.45 29.49 24.71
C LYS D 9 -10.19 28.76 23.41
N TRP D 10 -9.94 27.46 23.49
CA TRP D 10 -9.60 26.72 22.28
C TRP D 10 -10.81 26.55 21.36
N VAL D 11 -12.00 26.35 21.93
CA VAL D 11 -13.20 26.28 21.09
C VAL D 11 -13.41 27.61 20.36
N GLY D 12 -13.25 28.72 21.07
CA GLY D 12 -13.39 30.01 20.42
C GLY D 12 -12.39 30.21 19.29
N GLU D 13 -11.12 29.87 19.54
CA GLU D 13 -10.11 29.99 18.51
C GLU D 13 -10.42 29.11 17.32
N THR D 14 -11.00 27.94 17.57
CA THR D 14 -11.30 27.00 16.48
C THR D 14 -12.43 27.53 15.60
N PHE D 15 -13.42 28.19 16.19
CA PHE D 15 -14.48 28.76 15.38
C PHE D 15 -14.09 30.09 14.72
N THR D 16 -13.09 30.80 15.25
CA THR D 16 -12.71 32.09 14.67
C THR D 16 -11.55 31.99 13.68
N GLY D 17 -10.63 31.05 13.86
CA GLY D 17 -9.44 31.01 13.03
C GLY D 17 -9.74 30.50 11.63
N LYS D 18 -9.10 31.15 10.64
CA LYS D 18 -9.27 30.68 9.27
C LYS D 18 -8.46 29.42 9.03
N TRP D 19 -8.91 28.63 8.06
CA TRP D 19 -8.29 27.35 7.77
C TRP D 19 -7.08 27.51 6.86
N GLU D 20 -6.02 26.79 7.20
CA GLU D 20 -4.90 26.58 6.29
C GLU D 20 -5.07 25.21 5.67
N VAL D 21 -5.03 25.15 4.34
CA VAL D 21 -5.36 23.93 3.60
C VAL D 21 -4.33 23.70 2.51
N GLN D 22 -3.83 22.47 2.42
CA GLN D 22 -3.01 22.04 1.29
C GLN D 22 -3.65 20.81 0.66
N GLU D 23 -3.56 20.73 -0.66
CA GLU D 23 -3.98 19.52 -1.35
C GLU D 23 -3.03 18.37 -1.04
N THR D 24 -3.62 17.19 -0.84
CA THR D 24 -2.88 15.95 -0.77
C THR D 24 -3.48 14.99 -1.80
N THR D 25 -2.62 14.18 -2.42
CA THR D 25 -3.09 13.17 -3.35
C THR D 25 -3.11 11.77 -2.74
N SER D 26 -2.75 11.65 -1.46
CA SER D 26 -2.80 10.36 -0.76
C SER D 26 -3.27 10.60 0.66
N VAL D 27 -3.57 9.52 1.36
CA VAL D 27 -3.89 9.59 2.78
C VAL D 27 -2.68 10.18 3.50
N PRO D 28 -2.81 11.28 4.23
CA PRO D 28 -1.63 11.89 4.84
C PRO D 28 -1.21 11.19 6.13
N ASN D 29 0.05 11.41 6.48
CA ASN D 29 0.56 11.08 7.79
C ASN D 29 0.03 12.10 8.78
N PRO D 30 -0.53 11.69 9.92
CA PRO D 30 -1.00 12.67 10.91
C PRO D 30 0.07 13.69 11.31
N GLU D 31 1.34 13.29 11.31
CA GLU D 31 2.42 14.19 11.71
C GLU D 31 2.60 15.37 10.75
N ASP D 32 2.02 15.31 9.55
CA ASP D 32 2.12 16.42 8.62
C ASP D 32 0.99 17.44 8.79
N LEU D 33 0.14 17.27 9.80
CA LEU D 33 -0.89 18.24 10.14
C LEU D 33 -0.66 18.72 11.55
N ARG D 34 -1.01 19.98 11.80
CA ARG D 34 -0.91 20.53 13.15
C ARG D 34 -2.05 20.01 14.00
N LEU D 35 -1.72 19.54 15.20
CA LEU D 35 -2.71 18.95 16.09
C LEU D 35 -3.63 20.03 16.65
N ASN D 36 -4.94 19.73 16.65
CA ASN D 36 -5.95 20.62 17.26
C ASN D 36 -5.83 22.05 16.75
N SER D 37 -5.76 22.17 15.43
CA SER D 37 -5.56 23.44 14.75
C SER D 37 -6.40 23.42 13.49
N ASN D 38 -6.70 24.61 12.97
CA ASN D 38 -7.48 24.72 11.74
C ASN D 38 -6.55 24.54 10.54
N HIS D 39 -6.04 23.32 10.43
CA HIS D 39 -5.11 22.92 9.39
C HIS D 39 -5.68 21.65 8.77
N ALA D 40 -5.90 21.65 7.47
CA ALA D 40 -6.49 20.49 6.82
C ALA D 40 -5.70 20.12 5.57
N LYS D 41 -5.78 18.84 5.21
CA LYS D 41 -5.41 18.37 3.89
C LYS D 41 -6.66 18.12 3.07
N ASP D 42 -6.61 18.46 1.79
CA ASP D 42 -7.73 18.35 0.87
C ASP D 42 -7.41 17.25 -0.13
N LEU D 43 -8.12 16.12 -0.01
CA LEU D 43 -7.97 14.99 -0.92
C LEU D 43 -9.10 15.09 -1.93
N LYS D 44 -8.77 15.52 -3.15
CA LYS D 44 -9.82 15.84 -4.13
C LYS D 44 -10.64 14.63 -4.51
N ALA D 45 -10.03 13.44 -4.52
CA ALA D 45 -10.75 12.23 -4.91
C ALA D 45 -10.29 11.10 -4.00
N ALA D 46 -11.24 10.49 -3.31
CA ALA D 46 -10.93 9.39 -2.41
C ALA D 46 -12.09 8.41 -2.42
N THR D 47 -11.80 7.16 -2.13
CA THR D 47 -12.83 6.14 -2.02
C THR D 47 -12.78 5.57 -0.62
N VAL D 48 -13.91 5.62 0.08
CA VAL D 48 -14.02 5.16 1.46
C VAL D 48 -14.74 3.83 1.48
N LEU D 49 -14.16 2.88 2.20
CA LEU D 49 -14.75 1.57 2.43
C LEU D 49 -14.95 1.39 3.93
N TYR D 50 -16.13 0.94 4.32
CA TYR D 50 -16.40 0.53 5.69
C TYR D 50 -16.83 -0.93 5.67
N ALA D 51 -16.36 -1.69 6.64
CA ALA D 51 -16.72 -3.10 6.76
C ALA D 51 -17.12 -3.36 8.20
N ASP D 52 -18.31 -3.91 8.41
CA ASP D 52 -18.73 -4.17 9.77
C ASP D 52 -19.58 -5.42 9.86
N LEU D 53 -19.66 -5.95 11.08
CA LEU D 53 -20.55 -7.06 11.37
C LEU D 53 -21.97 -6.54 11.55
N ASP D 54 -22.93 -7.41 11.24
CA ASP D 54 -24.34 -7.11 11.40
C ASP D 54 -24.93 -8.06 12.42
N GLY D 55 -25.47 -7.51 13.50
CA GLY D 55 -26.10 -8.32 14.52
C GLY D 55 -25.17 -8.78 15.62
N SER D 56 -24.11 -8.03 15.91
CA SER D 56 -23.15 -8.46 16.93
C SER D 56 -23.74 -8.38 18.34
N THR D 57 -24.70 -7.47 18.56
CA THR D 57 -25.27 -7.35 19.90
C THR D 57 -26.02 -8.62 20.31
N ASP D 58 -26.87 -9.12 19.42
CA ASP D 58 -27.60 -10.34 19.76
C ASP D 58 -26.66 -11.54 19.89
N VAL D 60 -23.40 -11.41 20.93
CA VAL D 60 -22.72 -11.27 22.21
C VAL D 60 -23.65 -11.62 23.37
N ASN D 61 -24.94 -11.31 23.22
CA ASN D 61 -25.91 -11.55 24.28
C ASN D 61 -26.31 -13.01 24.41
N THR D 62 -26.14 -13.83 23.37
CA THR D 62 -26.67 -15.18 23.37
C THR D 62 -25.64 -16.28 23.24
N LYS D 63 -24.48 -16.01 22.66
CA LYS D 63 -23.47 -17.03 22.41
C LYS D 63 -22.41 -17.01 23.52
N LYS D 64 -21.67 -18.11 23.61
CA LYS D 64 -20.51 -18.14 24.48
C LYS D 64 -19.56 -17.00 24.10
N TRP D 65 -18.93 -16.39 25.11
CA TRP D 65 -18.05 -15.27 24.80
C TRP D 65 -16.91 -15.68 23.87
N GLN D 66 -16.42 -16.91 24.00
CA GLN D 66 -15.38 -17.39 23.10
C GLN D 66 -15.85 -17.33 21.65
N PHE D 67 -17.10 -17.71 21.41
CA PHE D 67 -17.65 -17.66 20.06
C PHE D 67 -17.69 -16.23 19.54
N SER D 68 -18.26 -15.32 20.33
CA SER D 68 -18.31 -13.90 19.93
C SER D 68 -16.91 -13.36 19.65
N ALA D 69 -15.97 -13.64 20.56
CA ALA D 69 -14.60 -13.16 20.38
C ALA D 69 -13.98 -13.72 19.10
N GLN D 70 -14.25 -14.98 18.79
CA GLN D 70 -13.71 -15.57 17.58
C GLN D 70 -14.30 -14.94 16.33
N ILE D 71 -15.60 -14.64 16.36
CA ILE D 71 -16.24 -13.98 15.22
C ILE D 71 -15.64 -12.60 14.99
N TYR D 72 -15.56 -11.80 16.06
CA TYR D 72 -14.98 -10.46 15.94
C TYR D 72 -13.56 -10.55 15.42
N LYS D 73 -12.72 -11.37 16.06
CA LYS D 73 -11.31 -11.45 15.71
C LYS D 73 -11.11 -11.92 14.27
N THR D 74 -11.82 -12.97 13.85
CA THR D 74 -11.57 -13.49 12.52
C THR D 74 -12.11 -12.55 11.44
N PHE D 75 -13.28 -11.96 11.67
CA PHE D 75 -13.80 -11.01 10.69
C PHE D 75 -12.85 -9.82 10.55
N LEU D 76 -12.43 -9.26 11.68
CA LEU D 76 -11.63 -8.04 11.62
C LEU D 76 -10.24 -8.29 11.04
N LYS D 77 -9.65 -9.44 11.35
CA LYS D 77 -8.34 -9.76 10.77
C LYS D 77 -8.47 -10.05 9.27
N CYS D 78 -9.47 -10.83 8.87
CA CYS D 78 -9.65 -11.07 7.43
C CYS D 78 -9.89 -9.77 6.69
N ALA D 79 -10.79 -8.93 7.21
CA ALA D 79 -11.13 -7.70 6.51
C ALA D 79 -9.93 -6.76 6.43
N SER D 80 -9.22 -6.58 7.54
CA SER D 80 -8.09 -5.65 7.54
C SER D 80 -6.94 -6.16 6.69
N ASP D 81 -6.67 -7.48 6.73
CA ASP D 81 -5.61 -8.04 5.90
C ASP D 81 -5.93 -7.88 4.42
N ILE D 82 -7.19 -8.08 4.04
CA ILE D 82 -7.58 -7.94 2.64
C ILE D 82 -7.52 -6.48 2.22
N ILE D 83 -7.97 -5.56 3.09
CA ILE D 83 -7.87 -4.14 2.80
C ILE D 83 -6.41 -3.76 2.51
N ARG D 84 -5.51 -4.15 3.41
CA ARG D 84 -4.10 -3.80 3.22
C ARG D 84 -3.54 -4.44 1.95
N ASP D 85 -3.95 -5.67 1.67
CA ASP D 85 -3.49 -6.35 0.46
C ASP D 85 -3.91 -5.61 -0.81
N GLU D 86 -5.06 -4.95 -0.77
CA GLU D 86 -5.56 -4.18 -1.91
C GLU D 86 -5.09 -2.73 -1.90
N GLY D 87 -4.18 -2.38 -0.99
CA GLY D 87 -3.60 -1.06 -1.00
C GLY D 87 -4.40 0.00 -0.25
N GLY D 88 -5.44 -0.39 0.46
CA GLY D 88 -6.19 0.56 1.25
C GLY D 88 -5.46 0.93 2.52
N ASN D 89 -5.73 2.15 3.00
CA ASN D 89 -5.17 2.63 4.26
C ASN D 89 -6.27 2.60 5.32
N ILE D 90 -6.04 1.83 6.38
CA ILE D 90 -7.04 1.73 7.44
C ILE D 90 -7.00 2.99 8.30
N THR D 91 -8.11 3.72 8.32
CA THR D 91 -8.18 5.03 8.92
C THR D 91 -8.99 5.08 10.21
N ALA D 92 -9.74 4.02 10.54
CA ALA D 92 -10.48 3.99 11.78
C ALA D 92 -10.82 2.55 12.15
N TYR D 93 -10.95 2.31 13.46
CA TYR D 93 -11.43 1.03 13.97
C TYR D 93 -12.25 1.25 15.22
N ASP D 94 -13.41 0.58 15.30
CA ASP D 94 -14.25 0.67 16.50
C ASP D 94 -15.10 -0.60 16.58
N GLY D 95 -14.78 -1.46 17.54
CA GLY D 95 -15.62 -2.61 17.82
C GLY D 95 -15.71 -3.60 16.70
N ASP D 96 -16.81 -3.56 15.95
CA ASP D 96 -17.03 -4.48 14.84
C ASP D 96 -16.86 -3.82 13.48
N ARG D 97 -16.29 -2.62 13.43
CA ARG D 97 -16.27 -1.83 12.21
C ARG D 97 -14.87 -1.32 11.90
N VAL D 98 -14.50 -1.39 10.61
CA VAL D 98 -13.22 -0.91 10.12
C VAL D 98 -13.47 0.05 8.95
N ALA D 100 -11.51 2.28 5.79
CA ALA D 100 -10.31 2.43 4.98
C ALA D 100 -10.54 3.44 3.86
N VAL D 101 -9.44 4.05 3.42
CA VAL D 101 -9.45 5.02 2.33
C VAL D 101 -8.53 4.52 1.22
N PHE D 102 -9.04 4.52 0.00
CA PHE D 102 -8.29 4.15 -1.19
C PHE D 102 -8.10 5.38 -2.06
N THR D 103 -6.93 5.53 -2.65
CA THR D 103 -6.64 6.64 -3.54
C THR D 103 -5.96 6.11 -4.81
N GLY D 104 -5.90 6.98 -5.82
CA GLY D 104 -5.19 6.67 -7.05
C GLY D 104 -6.14 6.25 -8.16
N ASN D 105 -5.51 5.91 -9.30
CA ASN D 105 -6.24 5.69 -10.54
C ASN D 105 -7.09 4.43 -10.54
N SER D 106 -6.88 3.51 -9.60
CA SER D 106 -7.66 2.28 -9.53
C SER D 106 -8.43 2.16 -8.23
N LYS D 107 -8.70 3.28 -7.55
CA LYS D 107 -9.21 3.22 -6.18
C LYS D 107 -10.58 2.55 -6.09
N ASN D 108 -11.46 2.81 -7.06
CA ASN D 108 -12.80 2.24 -6.96
C ASN D 108 -12.81 0.76 -7.28
N THR D 109 -12.05 0.35 -8.29
CA THR D 109 -11.95 -1.06 -8.61
C THR D 109 -11.28 -1.85 -7.48
N SER D 110 -10.22 -1.29 -6.90
CA SER D 110 -9.56 -1.94 -5.78
C SER D 110 -10.50 -2.07 -4.58
N ALA D 111 -11.23 -1.00 -4.26
CA ALA D 111 -12.14 -1.06 -3.12
C ALA D 111 -13.24 -2.07 -3.35
N ALA D 112 -13.81 -2.11 -4.56
CA ALA D 112 -14.89 -3.05 -4.83
C ALA D 112 -14.40 -4.49 -4.79
N ARG D 113 -13.23 -4.75 -5.39
CA ARG D 113 -12.66 -6.09 -5.33
C ARG D 113 -12.36 -6.47 -3.89
N CYS D 114 -11.87 -5.53 -3.10
CA CYS D 114 -11.67 -5.75 -1.66
C CYS D 114 -12.97 -6.21 -1.00
N ALA D 115 -14.08 -5.51 -1.28
CA ALA D 115 -15.36 -5.88 -0.69
C ALA D 115 -15.78 -7.29 -1.09
N LEU D 116 -15.65 -7.63 -2.37
CA LEU D 116 -16.04 -8.96 -2.81
C LEU D 116 -15.13 -10.05 -2.22
N LYS D 117 -13.85 -9.72 -2.02
CA LYS D 117 -12.95 -10.64 -1.33
C LYS D 117 -13.32 -10.81 0.14
N ILE D 118 -13.75 -9.73 0.80
CA ILE D 118 -14.22 -9.86 2.17
C ILE D 118 -15.42 -10.80 2.25
N ASN D 119 -16.33 -10.70 1.27
CA ASN D 119 -17.44 -11.64 1.24
C ASN D 119 -16.96 -13.09 1.08
N SER D 120 -15.95 -13.32 0.22
CA SER D 120 -15.38 -14.65 0.12
C SER D 120 -14.74 -15.08 1.43
N ALA D 121 -14.00 -14.18 2.09
CA ALA D 121 -13.43 -14.55 3.37
C ALA D 121 -14.50 -15.00 4.35
N VAL D 122 -15.62 -14.28 4.40
CA VAL D 122 -16.71 -14.65 5.31
C VAL D 122 -17.32 -15.99 4.91
N LEU D 123 -17.66 -16.14 3.63
CA LEU D 123 -18.41 -17.31 3.20
C LEU D 123 -17.54 -18.55 3.02
N ASP D 124 -16.28 -18.37 2.62
CA ASP D 124 -15.43 -19.49 2.23
C ASP D 124 -14.34 -19.79 3.24
N ILE D 125 -14.08 -18.89 4.20
CA ILE D 125 -13.06 -19.12 5.21
C ILE D 125 -13.70 -19.15 6.60
N ILE D 126 -14.35 -18.07 7.00
CA ILE D 126 -14.85 -18.00 8.38
C ILE D 126 -16.03 -18.93 8.58
N GLN D 127 -17.03 -18.87 7.69
CA GLN D 127 -18.23 -19.69 7.90
C GLN D 127 -17.92 -21.18 7.94
N PRO D 128 -17.08 -21.74 7.06
CA PRO D 128 -16.72 -23.15 7.24
C PRO D 128 -16.01 -23.44 8.56
N ALA D 129 -15.22 -22.49 9.06
CA ALA D 129 -14.56 -22.69 10.35
C ALA D 129 -15.56 -22.69 11.50
N ILE D 130 -16.57 -21.82 11.41
CA ILE D 130 -17.68 -21.87 12.37
C ILE D 130 -18.34 -23.25 12.34
N ALA D 131 -18.67 -23.72 11.14
CA ALA D 131 -19.35 -25.02 11.02
C ALA D 131 -18.48 -26.14 11.56
N LYS D 132 -17.18 -26.11 11.28
CA LYS D 132 -16.32 -27.22 11.70
C LYS D 132 -16.15 -27.25 13.21
N LYS D 133 -15.93 -26.08 13.83
CA LYS D 133 -15.66 -26.05 15.26
C LYS D 133 -16.95 -26.11 16.07
N TRP D 134 -17.92 -25.27 15.74
CA TRP D 134 -19.11 -25.12 16.57
C TRP D 134 -20.31 -25.92 16.06
N GLN D 135 -20.23 -26.51 14.86
CA GLN D 135 -21.27 -27.43 14.37
C GLN D 135 -22.66 -26.79 14.45
N THR D 136 -22.77 -25.60 13.86
CA THR D 136 -23.95 -24.76 14.00
C THR D 136 -24.22 -24.09 12.67
N ASP D 137 -25.49 -23.76 12.43
CA ASP D 137 -25.89 -23.04 11.23
C ASP D 137 -25.94 -21.53 11.43
N PHE D 138 -25.44 -21.02 12.57
CA PHE D 138 -25.32 -19.58 12.78
C PHE D 138 -24.58 -18.96 11.61
N VAL D 139 -25.17 -17.93 11.02
CA VAL D 139 -24.62 -17.27 9.84
C VAL D 139 -23.95 -15.98 10.27
N LEU D 140 -22.67 -15.83 9.91
CA LEU D 140 -21.99 -14.56 10.10
C LEU D 140 -22.49 -13.59 9.04
N ARG D 141 -23.17 -12.53 9.48
CA ARG D 141 -23.65 -11.48 8.60
C ARG D 141 -22.72 -10.28 8.69
N HIS D 142 -22.47 -9.63 7.56
CA HIS D 142 -21.60 -8.46 7.51
C HIS D 142 -22.03 -7.60 6.34
N VAL D 143 -21.59 -6.34 6.34
CA VAL D 143 -21.82 -5.43 5.23
C VAL D 143 -20.52 -4.67 4.95
N VAL D 144 -20.22 -4.49 3.66
CA VAL D 144 -19.17 -3.57 3.23
C VAL D 144 -19.84 -2.49 2.39
N GLY D 145 -19.62 -1.24 2.77
CA GLY D 145 -20.18 -0.10 2.04
C GLY D 145 -19.07 0.78 1.49
N ILE D 146 -19.28 1.31 0.29
CA ILE D 146 -18.25 2.07 -0.41
C ILE D 146 -18.89 3.30 -1.05
N ASP D 147 -18.24 4.45 -0.88
CA ASP D 147 -18.61 5.68 -1.59
C ASP D 147 -17.31 6.36 -2.01
N THR D 148 -17.42 7.34 -2.90
CA THR D 148 -16.25 8.09 -3.34
C THR D 148 -16.61 9.57 -3.40
N SER D 149 -15.69 10.42 -2.95
CA SER D 149 -15.91 11.86 -2.94
C SER D 149 -14.61 12.56 -2.55
N GLN D 150 -14.62 13.87 -2.67
CA GLN D 150 -13.61 14.69 -2.04
C GLN D 150 -13.72 14.55 -0.52
N LEU D 151 -12.57 14.62 0.15
CA LEU D 151 -12.52 14.61 1.60
C LEU D 151 -11.52 15.63 2.08
N ARG D 152 -11.81 16.27 3.20
CA ARG D 152 -10.81 17.01 3.95
C ARG D 152 -10.52 16.27 5.23
N THR D 153 -9.29 16.39 5.74
CA THR D 153 -8.93 15.74 6.97
C THR D 153 -8.12 16.68 7.85
N ALA D 154 -8.32 16.55 9.16
CA ALA D 154 -7.60 17.32 10.16
C ALA D 154 -7.19 16.38 11.30
N ARG D 155 -6.17 16.81 12.05
CA ARG D 155 -5.54 15.96 13.07
C ARG D 155 -6.11 16.28 14.45
N ILE D 156 -6.59 15.24 15.13
CA ILE D 156 -7.22 15.39 16.43
C ILE D 156 -6.58 14.41 17.42
N GLY D 157 -6.91 14.60 18.70
CA GLY D 157 -6.28 13.82 19.75
C GLY D 157 -7.26 13.05 20.60
N ILE D 158 -7.69 11.89 20.10
CA ILE D 158 -8.75 11.13 20.76
C ILE D 158 -8.14 9.95 21.52
N ARG D 159 -7.69 8.93 20.79
CA ARG D 159 -6.94 7.85 21.41
C ARG D 159 -5.49 8.24 21.61
N GLY D 160 -4.95 9.09 20.74
CA GLY D 160 -3.59 9.56 20.83
C GLY D 160 -3.46 10.83 20.00
N ASP D 161 -2.23 11.34 19.93
CA ASP D 161 -1.95 12.59 19.24
C ASP D 161 -2.09 12.48 17.73
N ASN D 162 -2.41 11.30 17.18
CA ASN D 162 -2.27 11.05 15.75
C ASN D 162 -3.58 10.61 15.09
N ASP D 163 -4.71 11.00 15.64
CA ASP D 163 -5.99 10.66 15.01
C ASP D 163 -6.29 11.63 13.88
N LEU D 164 -7.04 11.15 12.89
CA LEU D 164 -7.53 11.98 11.80
C LEU D 164 -9.04 11.91 11.75
N VAL D 165 -9.67 13.04 11.56
CA VAL D 165 -11.10 13.12 11.28
C VAL D 165 -11.26 13.39 9.79
N TRP D 166 -12.25 12.75 9.19
CA TRP D 166 -12.48 12.82 7.75
C TRP D 166 -13.82 13.49 7.50
N ILE D 167 -13.81 14.53 6.66
CA ILE D 167 -14.97 15.38 6.42
C ILE D 167 -15.31 15.31 4.94
N GLY D 168 -16.45 14.72 4.61
CA GLY D 168 -16.90 14.67 3.24
C GLY D 168 -17.91 13.56 3.05
N ARG D 169 -18.59 13.62 1.90
CA ARG D 169 -19.72 12.74 1.66
C ARG D 169 -19.35 11.27 1.83
N ALA D 170 -18.23 10.85 1.25
CA ALA D 170 -17.90 9.42 1.23
C ALA D 170 -17.67 8.88 2.63
N ALA D 171 -17.14 9.69 3.54
CA ALA D 171 -16.93 9.23 4.91
C ALA D 171 -18.26 8.96 5.59
N ASN D 172 -19.26 9.78 5.32
CA ASN D 172 -20.56 9.60 5.93
C ASN D 172 -21.36 8.50 5.23
N TYR D 173 -21.42 8.54 3.90
CA TYR D 173 -22.30 7.63 3.17
C TYR D 173 -21.82 6.18 3.22
N ALA D 174 -20.51 5.95 3.14
CA ALA D 174 -20.04 4.58 3.23
C ALA D 174 -20.41 3.97 4.58
N ALA D 175 -20.33 4.75 5.65
CA ALA D 175 -20.73 4.26 6.95
C ALA D 175 -22.23 3.98 7.00
N LYS D 176 -23.04 4.88 6.43
CA LYS D 176 -24.49 4.69 6.47
C LYS D 176 -24.91 3.46 5.66
N LEU D 177 -24.24 3.19 4.54
CA LEU D 177 -24.54 1.99 3.78
C LEU D 177 -24.37 0.73 4.62
N THR D 178 -23.38 0.71 5.52
CA THR D 178 -23.14 -0.48 6.32
C THR D 178 -24.13 -0.64 7.46
N ASN D 179 -24.90 0.40 7.80
CA ASN D 179 -25.99 0.25 8.75
C ASN D 179 -27.17 -0.49 8.15
N LEU D 180 -27.21 -0.64 6.83
CA LEU D 180 -28.30 -1.34 6.16
C LEU D 180 -28.01 -2.83 6.12
N ALA D 181 -29.07 -3.62 6.18
CA ALA D 181 -28.94 -5.07 6.23
C ALA D 181 -29.42 -5.70 4.91
N GLY D 182 -29.06 -6.96 4.73
CA GLY D 182 -29.60 -7.76 3.66
C GLY D 182 -28.67 -7.98 2.48
N LYS D 183 -27.60 -7.19 2.36
CA LYS D 183 -26.65 -7.35 1.25
C LYS D 183 -25.23 -7.25 1.79
N PRO D 184 -24.32 -8.11 1.33
CA PRO D 184 -22.95 -8.06 1.85
C PRO D 184 -22.11 -6.92 1.30
N THR D 185 -22.42 -6.41 0.11
CA THR D 185 -21.67 -5.29 -0.46
C THR D 185 -22.63 -4.29 -1.08
N ARG D 186 -22.44 -3.02 -0.73
CA ARG D 186 -23.22 -1.91 -1.28
C ARG D 186 -22.27 -0.79 -1.66
N ILE D 187 -22.44 -0.26 -2.87
CA ILE D 187 -21.61 0.84 -3.37
C ILE D 187 -22.50 1.92 -3.96
N THR D 188 -22.03 3.17 -3.94
CA THR D 188 -22.81 4.20 -4.58
C THR D 188 -22.62 4.18 -6.09
N ALA D 189 -23.52 4.87 -6.79
CA ALA D 189 -23.41 4.95 -8.25
C ALA D 189 -22.07 5.53 -8.67
N ASP D 190 -21.55 6.49 -7.92
CA ASP D 190 -20.27 7.08 -8.29
C ASP D 190 -19.14 6.06 -8.27
N VAL D 191 -19.19 5.11 -7.34
CA VAL D 191 -18.22 4.02 -7.34
C VAL D 191 -18.45 3.09 -8.52
N TYR D 192 -19.70 2.65 -8.70
CA TYR D 192 -20.02 1.74 -9.79
C TYR D 192 -19.58 2.30 -11.14
N ASN D 193 -19.82 3.60 -11.37
CA ASN D 193 -19.52 4.18 -12.67
C ASN D 193 -18.02 4.27 -12.96
N LYS D 194 -17.17 3.99 -11.98
CA LYS D 194 -15.73 3.99 -12.16
C LYS D 194 -15.12 2.60 -12.23
N LEU D 195 -15.90 1.55 -11.97
CA LEU D 195 -15.36 0.21 -11.91
C LEU D 195 -14.88 -0.25 -13.29
N ALA D 196 -13.74 -0.94 -13.30
CA ALA D 196 -13.31 -1.66 -14.49
C ALA D 196 -14.33 -2.73 -14.85
N ASP D 197 -14.36 -3.10 -16.13
CA ASP D 197 -15.33 -4.09 -16.59
C ASP D 197 -15.23 -5.39 -15.83
N LYS D 198 -14.02 -5.81 -15.47
CA LYS D 198 -13.85 -7.08 -14.76
C LYS D 198 -14.43 -7.06 -13.35
N LEU D 199 -14.76 -5.88 -12.81
CA LEU D 199 -15.45 -5.79 -11.52
C LEU D 199 -16.94 -5.54 -11.67
N LYS D 200 -17.45 -5.44 -12.90
CA LYS D 200 -18.87 -5.23 -13.15
C LYS D 200 -19.56 -6.44 -13.74
N TYR D 201 -18.87 -7.20 -14.59
CA TYR D 201 -19.46 -8.29 -15.34
C TYR D 201 -18.61 -9.54 -15.18
N ALA D 202 -19.27 -10.70 -15.12
CA ALA D 202 -18.60 -11.98 -15.03
C ALA D 202 -19.24 -12.89 -16.07
N ASN D 203 -18.51 -13.17 -17.16
CA ASN D 203 -19.03 -13.95 -18.27
C ASN D 203 -20.31 -13.34 -18.83
N GLY D 204 -20.29 -12.03 -19.02
CA GLY D 204 -21.40 -11.31 -19.61
C GLY D 204 -22.56 -11.04 -18.68
N VAL D 205 -22.49 -11.46 -17.42
CA VAL D 205 -23.58 -11.28 -16.46
C VAL D 205 -23.21 -10.17 -15.50
N ASP D 206 -24.16 -9.27 -15.24
CA ASP D 206 -23.94 -8.19 -14.28
C ASP D 206 -23.79 -8.77 -12.88
N TRP D 208 -23.83 -6.80 -10.25
CA TRP D 208 -24.42 -5.78 -9.40
C TRP D 208 -25.88 -5.54 -9.78
N ALA D 209 -26.69 -5.21 -8.77
CA ALA D 209 -28.07 -4.86 -8.98
C ALA D 209 -28.31 -3.43 -8.53
N PRO D 210 -28.98 -2.60 -9.34
CA PRO D 210 -29.23 -1.22 -8.92
C PRO D 210 -30.33 -1.15 -7.87
N GLU D 211 -30.13 -0.27 -6.90
CA GLU D 211 -31.10 -0.07 -5.83
C GLU D 211 -31.10 1.41 -5.46
N HIS D 212 -32.23 2.07 -5.59
CA HIS D 212 -32.27 3.48 -5.28
C HIS D 212 -32.32 3.71 -3.77
N TRP D 213 -31.46 4.60 -3.29
CA TRP D 213 -31.36 4.94 -1.87
C TRP D 213 -32.25 6.16 -1.65
N ASP D 214 -33.50 5.91 -1.27
CA ASP D 214 -34.49 6.99 -1.20
C ASP D 214 -34.08 8.07 -0.20
N ASP D 215 -33.49 7.67 0.93
CA ASP D 215 -33.11 8.65 1.94
C ASP D 215 -32.06 9.63 1.41
N GLY D 217 -31.31 10.03 -1.82
CA GLY D 217 -31.64 10.49 -3.16
C GLY D 217 -30.59 10.19 -4.20
N ILE D 218 -29.90 9.05 -4.07
CA ILE D 218 -28.91 8.62 -5.05
C ILE D 218 -29.12 7.14 -5.33
N TRP D 219 -28.59 6.71 -6.48
CA TRP D 219 -28.58 5.30 -6.81
C TRP D 219 -27.40 4.60 -6.15
N THR D 220 -27.62 3.36 -5.76
CA THR D 220 -26.57 2.49 -5.28
C THR D 220 -26.62 1.18 -6.05
N TYR D 221 -25.60 0.37 -5.85
CA TYR D 221 -25.51 -0.94 -6.47
C TYR D 221 -25.11 -1.94 -5.41
N THR D 222 -25.76 -3.11 -5.41
CA THR D 222 -25.48 -4.14 -4.43
C THR D 222 -24.97 -5.38 -5.14
N SER D 223 -24.22 -6.20 -4.41
CA SER D 223 -23.74 -7.45 -4.96
C SER D 223 -23.72 -8.53 -3.88
N THR D 224 -24.12 -9.74 -4.28
CA THR D 224 -23.94 -10.93 -3.46
C THR D 224 -22.76 -11.75 -3.93
N TRP D 225 -21.99 -11.24 -4.89
CA TRP D 225 -20.88 -12.01 -5.43
C TRP D 225 -19.72 -12.06 -4.45
N LYS D 226 -18.80 -12.97 -4.73
CA LYS D 226 -17.56 -13.08 -3.96
C LYS D 226 -16.40 -13.17 -4.94
N TRP D 227 -15.20 -12.90 -4.43
CA TRP D 227 -14.00 -12.87 -5.26
C TRP D 227 -12.91 -13.59 -4.48
N THR D 228 -12.17 -14.47 -5.17
CA THR D 228 -11.16 -15.28 -4.52
C THR D 228 -10.13 -14.41 -3.80
N VAL D 229 -9.88 -14.73 -2.52
CA VAL D 229 -8.90 -14.00 -1.72
C VAL D 229 -7.48 -14.33 -2.16
#